data_7ACI
#
_entry.id   7ACI
#
_cell.length_a   48.775
_cell.length_b   76.173
_cell.length_c   156.531
_cell.angle_alpha   90.000
_cell.angle_beta   90.000
_cell.angle_gamma   90.000
#
_symmetry.space_group_name_H-M   'P 21 2 21'
#
loop_
_entity.id
_entity.type
_entity.pdbx_description
1 polymer 'Apolipoprotein N-acyltransferase'
2 non-polymer GLYCEROL
3 non-polymer '[(2~{S})-2,3-bis(oxidanyl)propyl] heptadec-9-enoate'
4 water water
#
_entity_poly.entity_id   1
_entity_poly.type   'polypeptide(L)'
_entity_poly.pdbx_seq_one_letter_code
;MGSSHHHHHHSSGLVPRGSHMAFASLIERQRIRLLLALLFGACGTLAFSPYDVWPAAIISLMGLQALTFNRRPLQSAAIG
FCWGFGLFGSGINWVYVSIATFGGMPGPVNIFLVVLLAAYLSLYTGLFAGVLSRLWPKTTWLRVAIAAPALWQVTEFLRG
WVLTGFPWLQFGYSQIDGPLKGLAPIMGVEAINFLLMMVSGLLALALVKRNWRPLVVAVVLFALPFPLRYIQWFTPQPEK
TIQVSMVQGDIPQSLKWDEGQLLNTLKIYYNATAPLMGKSSLIIWPESAITDLEINQQPFLKALDGELRDKGSSLVTGIV
DARLNKQNRYDTYNTIITLGKGAPYSYESADRYNKNHLVPFGEFVPLESILRPLAPFFDLPMSSFSRGPYIQPPLSANGI
ELTAAICYEIILGEQVRDNFRPDTDYLLTISNDAWFGKSIGPWQHFQMARMRALELARPLLRSTNNGITAVIGPQGEIQA
MIPQFTREVLTTNVTPTTGLTPYARTGNWPLWVLTALFGFAAVLMSLRQRRK
;
_entity_poly.pdbx_strand_id   A
#
loop_
_chem_comp.id
_chem_comp.type
_chem_comp.name
_chem_comp.formula
GOL non-polymer GLYCEROL 'C3 H8 O3'
LH9 non-polymer '[(2~{S})-2,3-bis(oxidanyl)propyl] heptadec-9-enoate' 'C20 H38 O4'
#
# COMPACT_ATOMS: atom_id res chain seq x y z
N MET A 21 -48.10 -7.28 -3.78
CA MET A 21 -47.53 -7.03 -2.43
C MET A 21 -46.09 -7.50 -2.31
N ALA A 22 -45.75 -8.56 -3.06
CA ALA A 22 -44.48 -9.24 -2.88
C ALA A 22 -43.29 -8.28 -2.92
N PHE A 23 -43.28 -7.36 -3.87
CA PHE A 23 -42.17 -6.42 -3.98
C PHE A 23 -41.98 -5.59 -2.71
N ALA A 24 -42.97 -5.56 -1.82
CA ALA A 24 -42.93 -4.68 -0.65
C ALA A 24 -42.86 -5.44 0.68
N SER A 25 -42.73 -6.76 0.64
CA SER A 25 -42.51 -7.50 1.89
C SER A 25 -41.24 -7.00 2.57
N LEU A 26 -41.14 -7.28 3.88
CA LEU A 26 -39.99 -6.82 4.64
C LEU A 26 -38.70 -7.48 4.14
N ILE A 27 -38.77 -8.77 3.80
CA ILE A 27 -37.54 -9.45 3.37
C ILE A 27 -37.14 -8.98 1.97
N GLU A 28 -38.11 -8.67 1.12
CA GLU A 28 -37.77 -8.18 -0.22
C GLU A 28 -37.12 -6.80 -0.13
N ARG A 29 -37.60 -5.95 0.80
CA ARG A 29 -36.99 -4.64 0.97
C ARG A 29 -35.60 -4.75 1.55
N GLN A 30 -35.37 -5.73 2.44
CA GLN A 30 -34.01 -6.02 2.89
C GLN A 30 -33.14 -6.47 1.73
N ARG A 31 -33.67 -7.33 0.86
CA ARG A 31 -32.89 -7.80 -0.27
C ARG A 31 -32.56 -6.66 -1.24
N ILE A 32 -33.51 -5.75 -1.46
CA ILE A 32 -33.24 -4.57 -2.26
C ILE A 32 -32.06 -3.80 -1.68
N ARG A 33 -32.01 -3.68 -0.34
CA ARG A 33 -30.89 -3.01 0.29
C ARG A 33 -29.59 -3.76 0.06
N LEU A 34 -29.64 -5.10 -0.01
CA LEU A 34 -28.42 -5.87 -0.24
C LEU A 34 -27.88 -5.63 -1.65
N LEU A 35 -28.78 -5.54 -2.64
CA LEU A 35 -28.35 -5.23 -3.99
C LEU A 35 -27.77 -3.83 -4.08
N LEU A 36 -28.49 -2.85 -3.52
CA LEU A 36 -27.98 -1.49 -3.51
C LEU A 36 -26.63 -1.41 -2.81
N ALA A 37 -26.47 -2.13 -1.71
CA ALA A 37 -25.18 -2.15 -1.00
C ALA A 37 -24.08 -2.68 -1.91
N LEU A 38 -24.35 -3.78 -2.60
CA LEU A 38 -23.38 -4.31 -3.55
C LEU A 38 -22.98 -3.26 -4.58
N LEU A 39 -23.95 -2.50 -5.08
CA LEU A 39 -23.64 -1.47 -6.07
C LEU A 39 -22.82 -0.34 -5.46
N PHE A 40 -23.28 0.23 -4.34
CA PHE A 40 -22.53 1.30 -3.69
C PHE A 40 -21.12 0.84 -3.35
N GLY A 41 -20.97 -0.42 -2.95
CA GLY A 41 -19.64 -0.95 -2.69
C GLY A 41 -18.76 -0.92 -3.93
N ALA A 42 -19.31 -1.37 -5.06
CA ALA A 42 -18.52 -1.42 -6.29
C ALA A 42 -18.17 -0.01 -6.78
N CYS A 43 -19.06 0.95 -6.54
CA CYS A 43 -18.76 2.33 -6.95
C CYS A 43 -17.48 2.84 -6.32
N GLY A 44 -17.17 2.38 -5.10
CA GLY A 44 -15.97 2.85 -4.43
C GLY A 44 -14.69 2.48 -5.13
N THR A 45 -14.71 1.41 -5.94
CA THR A 45 -13.53 1.06 -6.71
C THR A 45 -13.15 2.16 -7.69
N LEU A 46 -14.13 2.93 -8.17
CA LEU A 46 -13.87 4.02 -9.09
C LEU A 46 -13.09 5.15 -8.44
N ALA A 47 -12.96 5.15 -7.10
CA ALA A 47 -12.24 6.21 -6.42
C ALA A 47 -10.72 6.05 -6.58
N PHE A 48 -10.26 4.82 -6.75
CA PHE A 48 -8.82 4.54 -6.79
C PHE A 48 -8.31 4.52 -8.24
N SER A 49 -7.00 4.70 -8.38
N SER A 49 -7.00 4.68 -8.38
CA SER A 49 -6.37 4.59 -9.69
CA SER A 49 -6.34 4.56 -9.67
C SER A 49 -6.71 3.22 -10.29
C SER A 49 -6.70 3.22 -10.29
N PRO A 50 -6.81 3.13 -11.62
CA PRO A 50 -6.58 4.20 -12.61
C PRO A 50 -7.80 5.09 -12.90
N TYR A 51 -8.90 4.88 -12.19
CA TYR A 51 -10.11 5.66 -12.45
C TYR A 51 -10.04 7.04 -11.80
N ASP A 52 -9.57 7.11 -10.56
CA ASP A 52 -9.24 8.38 -9.90
C ASP A 52 -10.45 9.32 -9.83
N VAL A 53 -11.64 8.74 -9.65
CA VAL A 53 -12.85 9.54 -9.46
C VAL A 53 -13.10 9.66 -7.96
N TRP A 54 -12.45 10.63 -7.32
CA TRP A 54 -12.44 10.65 -5.87
C TRP A 54 -13.83 10.89 -5.27
N PRO A 55 -14.76 11.52 -5.98
CA PRO A 55 -16.13 11.60 -5.45
C PRO A 55 -16.80 10.25 -5.25
N ALA A 56 -16.38 9.22 -5.98
CA ALA A 56 -16.99 7.91 -5.81
C ALA A 56 -16.78 7.34 -4.41
N ALA A 57 -15.70 7.77 -3.74
CA ALA A 57 -15.52 7.38 -2.35
C ALA A 57 -16.65 7.91 -1.47
N ILE A 58 -17.00 9.19 -1.65
CA ILE A 58 -18.08 9.77 -0.87
C ILE A 58 -19.40 9.11 -1.21
N ILE A 59 -19.62 8.78 -2.49
CA ILE A 59 -20.86 8.10 -2.87
C ILE A 59 -20.92 6.73 -2.22
N SER A 60 -19.82 5.96 -2.30
CA SER A 60 -19.82 4.60 -1.78
C SER A 60 -20.07 4.59 -0.27
N LEU A 61 -19.46 5.51 0.45
CA LEU A 61 -19.65 5.55 1.91
C LEU A 61 -21.02 6.08 2.30
N MET A 62 -21.61 6.96 1.48
CA MET A 62 -22.95 7.45 1.79
C MET A 62 -23.96 6.31 1.76
N GLY A 63 -23.83 5.40 0.79
CA GLY A 63 -24.73 4.27 0.72
C GLY A 63 -24.56 3.33 1.89
N LEU A 64 -23.31 3.04 2.25
CA LEU A 64 -23.04 2.17 3.40
C LEU A 64 -23.73 2.71 4.65
N GLN A 65 -23.62 4.02 4.89
CA GLN A 65 -24.21 4.59 6.10
C GLN A 65 -25.71 4.80 5.94
N ALA A 66 -26.21 5.01 4.72
CA ALA A 66 -27.64 5.19 4.53
C ALA A 66 -28.39 3.86 4.56
N LEU A 67 -27.84 2.83 3.93
CA LEU A 67 -28.53 1.55 3.83
C LEU A 67 -28.57 0.79 5.15
N THR A 68 -27.70 1.13 6.10
CA THR A 68 -27.70 0.48 7.40
C THR A 68 -28.62 1.16 8.39
N PHE A 69 -29.09 2.37 8.09
CA PHE A 69 -30.06 3.04 8.96
C PHE A 69 -31.28 2.16 9.18
N ASN A 70 -31.83 2.21 10.39
CA ASN A 70 -33.12 1.61 10.69
C ASN A 70 -33.13 0.14 10.30
N ARG A 71 -32.10 -0.57 10.75
CA ARG A 71 -31.94 -2.00 10.55
C ARG A 71 -31.60 -2.62 11.90
N ARG A 72 -32.03 -3.86 12.09
CA ARG A 72 -31.51 -4.62 13.21
C ARG A 72 -30.05 -4.98 12.91
N PRO A 73 -29.28 -5.32 13.94
CA PRO A 73 -27.83 -5.50 13.73
C PRO A 73 -27.48 -6.56 12.68
N LEU A 74 -28.10 -7.74 12.74
CA LEU A 74 -27.75 -8.79 11.80
C LEU A 74 -28.15 -8.41 10.37
N GLN A 75 -29.26 -7.67 10.21
CA GLN A 75 -29.58 -7.11 8.91
C GLN A 75 -28.51 -6.12 8.47
N SER A 76 -28.13 -5.20 9.35
CA SER A 76 -27.11 -4.21 9.00
C SER A 76 -25.79 -4.89 8.67
N ALA A 77 -25.42 -5.92 9.44
CA ALA A 77 -24.18 -6.64 9.17
C ALA A 77 -24.20 -7.28 7.79
N ALA A 78 -25.36 -7.82 7.37
CA ALA A 78 -25.48 -8.37 6.03
C ALA A 78 -25.32 -7.27 4.98
N ILE A 79 -25.84 -6.08 5.27
CA ILE A 79 -25.68 -4.96 4.34
C ILE A 79 -24.22 -4.54 4.26
N GLY A 80 -23.55 -4.44 5.40
CA GLY A 80 -22.13 -4.13 5.39
C GLY A 80 -21.30 -5.19 4.68
N PHE A 81 -21.71 -6.45 4.78
CA PHE A 81 -20.99 -7.51 4.07
C PHE A 81 -21.12 -7.34 2.56
N CYS A 82 -22.35 -7.21 2.07
CA CYS A 82 -22.56 -7.05 0.64
C CYS A 82 -21.93 -5.77 0.11
N TRP A 83 -21.91 -4.71 0.92
CA TRP A 83 -21.20 -3.50 0.54
C TRP A 83 -19.72 -3.79 0.33
N GLY A 84 -19.09 -4.42 1.32
CA GLY A 84 -17.70 -4.81 1.17
C GLY A 84 -17.50 -5.77 0.01
N PHE A 85 -18.45 -6.69 -0.19
CA PHE A 85 -18.31 -7.66 -1.27
C PHE A 85 -18.31 -6.96 -2.63
N GLY A 86 -19.16 -5.95 -2.79
CA GLY A 86 -19.12 -5.15 -4.00
C GLY A 86 -17.81 -4.40 -4.14
N LEU A 87 -17.31 -3.85 -3.03
CA LEU A 87 -16.06 -3.10 -3.08
C LEU A 87 -14.88 -4.02 -3.39
N PHE A 88 -14.69 -5.07 -2.60
CA PHE A 88 -13.56 -5.95 -2.78
C PHE A 88 -13.75 -6.87 -3.99
N GLY A 89 -14.97 -7.35 -4.20
CA GLY A 89 -15.23 -8.18 -5.36
C GLY A 89 -14.91 -7.49 -6.66
N SER A 90 -15.03 -6.16 -6.70
CA SER A 90 -14.76 -5.40 -7.91
C SER A 90 -13.41 -4.69 -7.90
N GLY A 91 -12.81 -4.50 -6.72
CA GLY A 91 -11.57 -3.75 -6.62
C GLY A 91 -10.33 -4.60 -6.37
N ILE A 92 -10.52 -5.88 -6.03
CA ILE A 92 -9.41 -6.78 -5.73
C ILE A 92 -9.38 -8.00 -6.63
N ASN A 93 -10.36 -8.18 -7.52
CA ASN A 93 -10.36 -9.39 -8.34
C ASN A 93 -9.19 -9.44 -9.31
N TRP A 94 -8.36 -8.40 -9.39
CA TRP A 94 -7.15 -8.49 -10.20
C TRP A 94 -6.19 -9.57 -9.70
N VAL A 95 -6.29 -9.97 -8.43
CA VAL A 95 -5.52 -11.09 -7.94
C VAL A 95 -5.77 -12.34 -8.77
N TYR A 96 -6.93 -12.42 -9.45
CA TYR A 96 -7.19 -13.55 -10.32
C TYR A 96 -6.08 -13.71 -11.36
N VAL A 97 -5.57 -12.60 -11.88
CA VAL A 97 -4.58 -12.66 -12.94
C VAL A 97 -3.40 -13.51 -12.52
N SER A 98 -2.92 -13.32 -11.29
CA SER A 98 -1.78 -14.11 -10.81
C SER A 98 -2.17 -15.55 -10.57
N ILE A 99 -3.35 -15.78 -9.99
CA ILE A 99 -3.76 -17.15 -9.67
C ILE A 99 -3.89 -17.98 -10.95
N ALA A 100 -4.51 -17.40 -11.99
CA ALA A 100 -4.81 -18.18 -13.18
C ALA A 100 -3.56 -18.45 -14.01
N THR A 101 -2.54 -17.60 -13.90
CA THR A 101 -1.34 -17.75 -14.72
C THR A 101 -0.32 -18.70 -14.10
N PHE A 102 -0.20 -18.70 -12.76
CA PHE A 102 0.80 -19.51 -12.08
C PHE A 102 0.23 -20.52 -11.10
N GLY A 103 -1.08 -20.49 -10.83
CA GLY A 103 -1.63 -21.33 -9.80
C GLY A 103 -1.83 -22.77 -10.21
N GLY A 104 -2.03 -23.02 -11.50
CA GLY A 104 -2.19 -24.39 -11.97
C GLY A 104 -3.51 -25.04 -11.60
N MET A 105 -4.52 -24.27 -11.28
CA MET A 105 -5.83 -24.79 -10.90
C MET A 105 -6.87 -24.47 -11.95
N PRO A 106 -7.95 -25.25 -12.02
CA PRO A 106 -8.98 -24.98 -13.03
C PRO A 106 -9.70 -23.67 -12.77
N GLY A 107 -10.22 -23.08 -13.85
CA GLY A 107 -10.86 -21.80 -13.82
C GLY A 107 -11.84 -21.61 -12.68
N PRO A 108 -12.75 -22.57 -12.48
CA PRO A 108 -13.72 -22.42 -11.39
C PRO A 108 -13.08 -22.29 -10.01
N VAL A 109 -12.02 -23.05 -9.74
CA VAL A 109 -11.32 -22.91 -8.46
C VAL A 109 -10.73 -21.52 -8.34
N ASN A 110 -10.18 -20.98 -9.43
CA ASN A 110 -9.58 -19.65 -9.39
C ASN A 110 -10.63 -18.58 -9.12
N ILE A 111 -11.77 -18.65 -9.79
CA ILE A 111 -12.87 -17.74 -9.49
C ILE A 111 -13.25 -17.86 -8.02
N PHE A 112 -13.42 -19.10 -7.54
CA PHE A 112 -13.87 -19.32 -6.18
C PHE A 112 -12.91 -18.72 -5.17
N LEU A 113 -11.59 -18.88 -5.40
CA LEU A 113 -10.62 -18.32 -4.48
C LEU A 113 -10.73 -16.80 -4.42
N VAL A 114 -10.99 -16.16 -5.56
CA VAL A 114 -11.14 -14.71 -5.57
C VAL A 114 -12.40 -14.31 -4.81
N VAL A 115 -13.51 -14.98 -5.10
CA VAL A 115 -14.72 -14.76 -4.32
C VAL A 115 -14.46 -14.98 -2.84
N LEU A 116 -13.72 -16.04 -2.51
CA LEU A 116 -13.41 -16.32 -1.11
C LEU A 116 -12.67 -15.16 -0.46
N LEU A 117 -11.63 -14.66 -1.13
CA LEU A 117 -10.86 -13.55 -0.55
C LEU A 117 -11.75 -12.33 -0.33
N ALA A 118 -12.60 -12.00 -1.30
CA ALA A 118 -13.48 -10.85 -1.15
C ALA A 118 -14.48 -11.06 -0.01
N ALA A 119 -14.98 -12.28 0.14
CA ALA A 119 -15.90 -12.55 1.25
C ALA A 119 -15.18 -12.41 2.59
N TYR A 120 -13.92 -12.82 2.65
CA TYR A 120 -13.18 -12.69 3.90
C TYR A 120 -13.06 -11.23 4.33
N LEU A 121 -12.61 -10.37 3.40
CA LEU A 121 -12.44 -8.96 3.75
C LEU A 121 -13.79 -8.28 4.00
N SER A 122 -14.84 -8.73 3.33
CA SER A 122 -16.16 -8.18 3.57
C SER A 122 -16.66 -8.46 4.98
N LEU A 123 -16.06 -9.44 5.67
CA LEU A 123 -16.46 -9.70 7.05
C LEU A 123 -16.20 -8.49 7.93
N TYR A 124 -15.19 -7.67 7.58
CA TYR A 124 -14.86 -6.53 8.43
C TYR A 124 -15.81 -5.37 8.21
N THR A 125 -16.29 -5.17 6.98
CA THR A 125 -17.34 -4.18 6.76
C THR A 125 -18.66 -4.65 7.37
N GLY A 126 -18.95 -5.94 7.28
CA GLY A 126 -20.09 -6.48 7.99
C GLY A 126 -19.99 -6.26 9.49
N LEU A 127 -18.82 -6.56 10.07
CA LEU A 127 -18.63 -6.32 11.50
C LEU A 127 -18.87 -4.85 11.84
N PHE A 128 -18.40 -3.95 10.98
CA PHE A 128 -18.60 -2.52 11.21
C PHE A 128 -20.08 -2.17 11.20
N ALA A 129 -20.82 -2.68 10.21
CA ALA A 129 -22.23 -2.36 10.11
C ALA A 129 -23.02 -2.96 11.26
N GLY A 130 -22.75 -4.22 11.60
CA GLY A 130 -23.48 -4.86 12.67
C GLY A 130 -23.28 -4.16 14.00
N VAL A 131 -22.03 -3.83 14.31
CA VAL A 131 -21.73 -3.17 15.58
C VAL A 131 -22.31 -1.76 15.61
N LEU A 132 -22.26 -1.06 14.48
CA LEU A 132 -22.71 0.33 14.46
C LEU A 132 -24.19 0.43 14.80
N SER A 133 -25.02 -0.42 14.20
CA SER A 133 -26.45 -0.34 14.46
C SER A 133 -26.85 -1.00 15.78
N ARG A 134 -26.05 -1.95 16.28
CA ARG A 134 -26.37 -2.54 17.57
C ARG A 134 -26.17 -1.55 18.71
N LEU A 135 -25.11 -0.75 18.65
CA LEU A 135 -24.83 0.20 19.71
C LEU A 135 -25.43 1.58 19.46
N TRP A 136 -25.64 1.95 18.20
CA TRP A 136 -26.20 3.25 17.83
C TRP A 136 -27.36 3.05 16.86
N PRO A 137 -28.43 2.38 17.31
CA PRO A 137 -29.51 2.03 16.37
C PRO A 137 -30.20 3.24 15.74
N LYS A 138 -30.28 4.34 16.47
CA LYS A 138 -31.06 5.48 16.02
C LYS A 138 -30.28 6.30 15.00
N THR A 139 -31.01 6.91 14.08
CA THR A 139 -30.43 7.71 13.01
C THR A 139 -30.09 9.08 13.60
N THR A 140 -28.85 9.21 14.07
CA THR A 140 -28.33 10.38 14.76
C THR A 140 -27.14 10.94 13.97
N TRP A 141 -26.71 12.15 14.33
CA TRP A 141 -25.41 12.61 13.86
C TRP A 141 -24.28 12.03 14.69
N LEU A 142 -24.56 11.71 15.96
CA LEU A 142 -23.62 10.93 16.76
C LEU A 142 -23.22 9.66 16.03
N ARG A 143 -24.21 8.89 15.59
CA ARG A 143 -23.93 7.63 14.89
C ARG A 143 -23.03 7.87 13.67
N VAL A 144 -23.43 8.78 12.78
CA VAL A 144 -22.74 8.88 11.51
C VAL A 144 -21.46 9.69 11.61
N ALA A 145 -21.37 10.64 12.55
CA ALA A 145 -20.25 11.57 12.58
C ALA A 145 -19.25 11.27 13.69
N ILE A 146 -19.66 10.60 14.77
CA ILE A 146 -18.78 10.31 15.90
C ILE A 146 -18.48 8.82 15.99
N ALA A 147 -19.51 7.99 16.12
CA ALA A 147 -19.29 6.56 16.30
C ALA A 147 -18.75 5.92 15.02
N ALA A 148 -19.35 6.23 13.87
CA ALA A 148 -18.96 5.57 12.63
C ALA A 148 -17.48 5.78 12.32
N PRO A 149 -16.95 7.00 12.28
CA PRO A 149 -15.51 7.13 11.99
C PRO A 149 -14.65 6.39 12.99
N ALA A 150 -14.97 6.49 14.27
CA ALA A 150 -14.20 5.78 15.30
C ALA A 150 -14.25 4.27 15.06
N LEU A 151 -15.45 3.74 14.84
CA LEU A 151 -15.60 2.30 14.65
C LEU A 151 -14.97 1.86 13.33
N TRP A 152 -15.18 2.63 12.26
CA TRP A 152 -14.51 2.35 10.99
C TRP A 152 -13.01 2.25 11.19
N GLN A 153 -12.43 3.16 11.98
CA GLN A 153 -11.00 3.12 12.23
C GLN A 153 -10.59 1.81 12.88
N VAL A 154 -11.44 1.27 13.75
CA VAL A 154 -11.11 0.05 14.46
C VAL A 154 -11.20 -1.16 13.52
N THR A 155 -12.34 -1.31 12.83
CA THR A 155 -12.51 -2.49 11.99
C THR A 155 -11.51 -2.50 10.83
N GLU A 156 -11.12 -1.31 10.35
CA GLU A 156 -10.13 -1.25 9.28
C GLU A 156 -8.75 -1.61 9.79
N PHE A 157 -8.44 -1.23 11.04
CA PHE A 157 -7.20 -1.70 11.66
C PHE A 157 -7.17 -3.22 11.71
N LEU A 158 -8.28 -3.85 12.11
CA LEU A 158 -8.31 -5.31 12.21
C LEU A 158 -8.15 -5.96 10.84
N ARG A 159 -8.73 -5.36 9.80
CA ARG A 159 -8.56 -5.91 8.46
C ARG A 159 -7.09 -5.91 8.06
N GLY A 160 -6.35 -4.88 8.47
CA GLY A 160 -4.94 -4.76 8.15
C GLY A 160 -4.00 -5.35 9.18
N TRP A 161 -4.50 -6.14 10.13
CA TRP A 161 -3.66 -6.70 11.18
C TRP A 161 -3.87 -8.21 11.30
N VAL A 162 -5.13 -8.65 11.31
CA VAL A 162 -5.42 -10.06 11.47
C VAL A 162 -4.73 -10.85 10.36
N LEU A 163 -4.01 -11.90 10.75
CA LEU A 163 -3.31 -12.76 9.80
C LEU A 163 -2.31 -11.98 8.97
N THR A 164 -1.71 -10.95 9.57
CA THR A 164 -0.72 -10.07 8.94
C THR A 164 -1.41 -9.03 8.07
N GLY A 165 -2.69 -9.27 7.73
CA GLY A 165 -3.55 -8.22 7.25
C GLY A 165 -3.46 -7.96 5.75
N PHE A 166 -4.44 -7.19 5.27
CA PHE A 166 -4.49 -6.77 3.88
C PHE A 166 -5.22 -5.45 3.80
N PRO A 167 -4.56 -4.35 4.15
CA PRO A 167 -5.23 -3.04 4.24
C PRO A 167 -5.42 -2.36 2.87
N TRP A 168 -5.86 -3.15 1.89
CA TRP A 168 -6.02 -2.65 0.53
C TRP A 168 -7.39 -1.96 0.37
N LEU A 169 -7.42 -0.95 -0.49
CA LEU A 169 -8.62 -0.15 -0.73
C LEU A 169 -9.06 0.57 0.54
N GLN A 170 -8.29 1.61 0.88
CA GLN A 170 -8.65 2.56 1.91
C GLN A 170 -8.94 3.89 1.22
N PHE A 171 -10.17 4.39 1.39
CA PHE A 171 -10.61 5.53 0.59
C PHE A 171 -9.71 6.74 0.75
N GLY A 172 -8.98 6.84 1.86
CA GLY A 172 -8.08 7.98 2.03
C GLY A 172 -7.10 8.12 0.88
N TYR A 173 -6.63 7.00 0.33
CA TYR A 173 -5.66 7.04 -0.75
C TYR A 173 -6.23 7.70 -2.00
N SER A 174 -7.57 7.71 -2.15
CA SER A 174 -8.19 8.34 -3.30
C SER A 174 -8.11 9.86 -3.25
N GLN A 175 -7.60 10.43 -2.15
CA GLN A 175 -7.47 11.87 -2.00
C GLN A 175 -6.06 12.37 -2.32
N ILE A 176 -5.22 11.52 -2.92
CA ILE A 176 -3.84 11.92 -3.21
C ILE A 176 -3.83 13.16 -4.10
N ASP A 177 -4.78 13.28 -5.00
CA ASP A 177 -4.93 14.46 -5.87
C ASP A 177 -6.27 15.15 -5.61
N GLY A 178 -6.67 15.24 -4.35
CA GLY A 178 -7.98 15.74 -4.01
C GLY A 178 -7.94 16.85 -2.98
N PRO A 179 -9.13 17.32 -2.58
CA PRO A 179 -9.17 18.46 -1.64
C PRO A 179 -8.59 18.18 -0.26
N LEU A 180 -8.54 16.92 0.17
CA LEU A 180 -8.12 16.58 1.53
C LEU A 180 -6.68 16.10 1.61
N LYS A 181 -5.89 16.23 0.54
CA LYS A 181 -4.54 15.69 0.58
C LYS A 181 -3.69 16.37 1.64
N GLY A 182 -4.03 17.60 2.01
CA GLY A 182 -3.24 18.32 2.99
C GLY A 182 -3.28 17.75 4.39
N LEU A 183 -4.22 16.84 4.67
CA LEU A 183 -4.27 16.23 5.98
C LEU A 183 -3.26 15.09 6.15
N ALA A 184 -2.86 14.46 5.05
CA ALA A 184 -1.97 13.30 5.15
C ALA A 184 -0.63 13.65 5.79
N PRO A 185 0.06 14.73 5.41
CA PRO A 185 1.33 15.06 6.09
C PRO A 185 1.15 15.43 7.55
N ILE A 186 -0.07 15.66 8.00
CA ILE A 186 -0.32 16.09 9.37
C ILE A 186 -0.69 14.92 10.27
N MET A 187 -1.62 14.07 9.82
CA MET A 187 -2.06 12.92 10.61
C MET A 187 -2.09 11.63 9.81
N GLY A 188 -1.54 11.62 8.60
CA GLY A 188 -1.47 10.41 7.81
C GLY A 188 -2.78 10.08 7.12
N VAL A 189 -2.71 9.07 6.25
CA VAL A 189 -3.84 8.77 5.37
C VAL A 189 -5.06 8.31 6.15
N GLU A 190 -4.86 7.66 7.30
CA GLU A 190 -6.01 7.17 8.06
C GLU A 190 -6.86 8.34 8.55
N ALA A 191 -6.25 9.49 8.78
CA ALA A 191 -7.04 10.69 9.10
C ALA A 191 -7.98 11.05 7.95
N ILE A 192 -7.56 10.75 6.71
CA ILE A 192 -8.45 11.00 5.57
C ILE A 192 -9.57 9.97 5.52
N ASN A 193 -9.24 8.70 5.80
CA ASN A 193 -10.28 7.69 5.97
C ASN A 193 -11.29 8.15 7.01
N PHE A 194 -10.80 8.72 8.10
CA PHE A 194 -11.66 9.14 9.21
C PHE A 194 -12.62 10.25 8.76
N LEU A 195 -12.09 11.31 8.15
CA LEU A 195 -12.94 12.43 7.76
C LEU A 195 -13.92 12.03 6.66
N LEU A 196 -13.50 11.16 5.74
CA LEU A 196 -14.40 10.76 4.66
C LEU A 196 -15.63 10.05 5.19
N MET A 197 -15.45 9.17 6.19
CA MET A 197 -16.61 8.47 6.75
C MET A 197 -17.49 9.43 7.54
N MET A 198 -16.90 10.45 8.16
CA MET A 198 -17.70 11.45 8.86
C MET A 198 -18.47 12.32 7.87
N VAL A 199 -17.80 12.80 6.83
CA VAL A 199 -18.46 13.65 5.84
C VAL A 199 -19.53 12.86 5.08
N SER A 200 -19.23 11.61 4.73
CA SER A 200 -20.21 10.79 4.03
C SER A 200 -21.37 10.43 4.94
N GLY A 201 -21.09 10.19 6.22
CA GLY A 201 -22.17 9.92 7.16
C GLY A 201 -23.16 11.06 7.27
N LEU A 202 -22.65 12.30 7.36
CA LEU A 202 -23.53 13.44 7.52
C LEU A 202 -24.33 13.71 6.26
N LEU A 203 -23.72 13.51 5.08
CA LEU A 203 -24.47 13.66 3.84
C LEU A 203 -25.60 12.64 3.76
N ALA A 204 -25.31 11.38 4.11
CA ALA A 204 -26.37 10.38 4.16
C ALA A 204 -27.47 10.79 5.14
N LEU A 205 -27.08 11.31 6.30
CA LEU A 205 -28.06 11.73 7.30
C LEU A 205 -28.94 12.86 6.76
N ALA A 206 -28.34 13.82 6.06
CA ALA A 206 -29.10 14.95 5.54
C ALA A 206 -30.15 14.49 4.53
N LEU A 207 -29.89 13.42 3.79
CA LEU A 207 -30.79 13.03 2.71
C LEU A 207 -31.96 12.21 3.23
N VAL A 208 -31.71 11.22 4.10
CA VAL A 208 -32.80 10.41 4.61
C VAL A 208 -33.70 11.23 5.52
N LYS A 209 -33.11 12.09 6.36
CA LYS A 209 -33.88 13.00 7.19
C LYS A 209 -34.32 14.25 6.45
N ARG A 210 -33.89 14.42 5.20
CA ARG A 210 -34.26 15.57 4.39
C ARG A 210 -34.11 16.88 5.19
N ASN A 211 -32.89 17.09 5.68
CA ASN A 211 -32.56 18.22 6.54
C ASN A 211 -31.27 18.86 6.06
N TRP A 212 -31.25 20.20 6.03
CA TRP A 212 -30.13 20.93 5.48
C TRP A 212 -28.96 21.10 6.44
N ARG A 213 -29.19 20.94 7.75
CA ARG A 213 -28.11 21.25 8.70
C ARG A 213 -26.95 20.28 8.59
N PRO A 214 -27.15 18.96 8.59
CA PRO A 214 -25.99 18.06 8.43
C PRO A 214 -25.25 18.26 7.11
N LEU A 215 -25.94 18.72 6.06
CA LEU A 215 -25.26 19.00 4.80
C LEU A 215 -24.28 20.15 4.95
N VAL A 216 -24.70 21.24 5.58
CA VAL A 216 -23.80 22.37 5.79
C VAL A 216 -22.57 21.93 6.56
N VAL A 217 -22.78 21.21 7.66
CA VAL A 217 -21.66 20.78 8.50
C VAL A 217 -20.72 19.90 7.69
N ALA A 218 -21.28 18.96 6.92
CA ALA A 218 -20.46 18.11 6.08
C ALA A 218 -19.62 18.93 5.12
N VAL A 219 -20.21 19.99 4.54
CA VAL A 219 -19.49 20.80 3.57
C VAL A 219 -18.38 21.60 4.25
N VAL A 220 -18.66 22.11 5.45
CA VAL A 220 -17.62 22.85 6.19
C VAL A 220 -16.48 21.91 6.56
N LEU A 221 -16.81 20.76 7.17
CA LEU A 221 -15.77 19.82 7.57
C LEU A 221 -14.97 19.35 6.38
N PHE A 222 -15.61 19.23 5.21
CA PHE A 222 -14.91 18.75 4.02
C PHE A 222 -14.01 19.82 3.42
N ALA A 223 -14.41 21.09 3.50
CA ALA A 223 -13.67 22.17 2.86
C ALA A 223 -12.59 22.76 3.76
N LEU A 224 -12.76 22.69 5.08
CA LEU A 224 -11.76 23.24 5.99
C LEU A 224 -10.35 22.75 5.70
N PRO A 225 -10.11 21.48 5.36
CA PRO A 225 -8.72 21.04 5.09
C PRO A 225 -8.16 21.54 3.77
N PHE A 226 -8.98 22.17 2.91
CA PHE A 226 -8.49 22.51 1.57
C PHE A 226 -7.21 23.34 1.57
N PRO A 227 -7.09 24.40 2.37
CA PRO A 227 -5.86 25.21 2.31
C PRO A 227 -4.61 24.43 2.74
N LEU A 228 -4.77 23.38 3.55
CA LEU A 228 -3.60 22.64 4.03
C LEU A 228 -2.81 22.06 2.87
N ARG A 229 -3.47 21.73 1.76
CA ARG A 229 -2.76 21.17 0.61
C ARG A 229 -1.57 22.02 0.20
N TYR A 230 -1.61 23.32 0.51
CA TYR A 230 -0.58 24.25 0.07
C TYR A 230 0.59 24.35 1.04
N ILE A 231 0.56 23.63 2.15
CA ILE A 231 1.65 23.68 3.12
C ILE A 231 2.80 22.82 2.62
N GLN A 232 3.99 23.39 2.58
CA GLN A 232 5.22 22.66 2.26
C GLN A 232 5.98 22.47 3.58
N TRP A 233 5.78 21.32 4.22
CA TRP A 233 6.42 20.96 5.48
C TRP A 233 7.90 20.70 5.35
N PHE A 234 8.46 20.91 4.17
CA PHE A 234 9.81 20.49 3.84
C PHE A 234 10.55 21.65 3.18
N THR A 235 11.86 21.50 3.10
CA THR A 235 12.71 22.42 2.36
C THR A 235 13.52 21.63 1.34
N PRO A 236 13.55 22.05 0.06
CA PRO A 236 14.41 21.37 -0.90
C PRO A 236 15.87 21.57 -0.56
N GLN A 237 16.69 20.61 -0.99
CA GLN A 237 18.14 20.63 -0.78
C GLN A 237 18.81 20.65 -2.15
N PRO A 238 18.84 21.80 -2.82
CA PRO A 238 19.35 21.83 -4.20
C PRO A 238 20.81 21.40 -4.31
N GLU A 239 21.64 21.71 -3.31
CA GLU A 239 23.05 21.37 -3.39
C GLU A 239 23.30 19.87 -3.42
N LYS A 240 22.28 19.05 -3.13
CA LYS A 240 22.41 17.60 -3.15
C LYS A 240 21.67 16.98 -4.33
N THR A 241 21.28 17.78 -5.33
CA THR A 241 20.60 17.23 -6.48
C THR A 241 21.53 16.31 -7.27
N ILE A 242 20.96 15.23 -7.81
CA ILE A 242 21.71 14.25 -8.57
C ILE A 242 20.87 13.78 -9.74
N GLN A 243 21.52 13.13 -10.70
CA GLN A 243 20.84 12.37 -11.72
C GLN A 243 20.69 10.93 -11.24
N VAL A 244 19.45 10.45 -11.20
CA VAL A 244 19.16 9.06 -10.85
C VAL A 244 18.61 8.36 -12.08
N SER A 245 18.96 7.10 -12.22
CA SER A 245 18.44 6.26 -13.29
C SER A 245 17.79 5.03 -12.68
N MET A 246 16.67 4.61 -13.27
CA MET A 246 15.94 3.44 -12.83
C MET A 246 15.70 2.56 -14.04
N VAL A 247 16.27 1.35 -13.99
CA VAL A 247 16.24 0.44 -15.13
C VAL A 247 15.02 -0.46 -15.00
N GLN A 248 14.13 -0.40 -15.99
CA GLN A 248 12.92 -1.20 -16.04
C GLN A 248 13.18 -2.32 -17.05
N GLY A 249 13.72 -3.44 -16.55
CA GLY A 249 14.16 -4.51 -17.42
C GLY A 249 13.04 -5.23 -18.14
N ASP A 250 11.82 -5.17 -17.62
CA ASP A 250 10.67 -5.84 -18.22
C ASP A 250 10.99 -7.30 -18.52
N ILE A 251 11.31 -8.04 -17.46
CA ILE A 251 11.69 -9.44 -17.55
C ILE A 251 10.45 -10.28 -17.30
N PRO A 252 10.12 -11.24 -18.19
CA PRO A 252 8.93 -12.06 -17.96
C PRO A 252 9.09 -12.98 -16.76
N GLN A 253 7.94 -13.39 -16.22
CA GLN A 253 7.84 -14.32 -15.09
C GLN A 253 9.16 -14.58 -14.36
N TRP A 257 14.24 -21.88 -13.14
CA TRP A 257 15.52 -22.49 -12.80
C TRP A 257 16.40 -22.65 -14.04
N ASP A 258 16.78 -21.53 -14.66
CA ASP A 258 17.53 -21.55 -15.92
C ASP A 258 18.61 -20.49 -15.84
N GLU A 259 19.86 -20.92 -15.64
CA GLU A 259 20.97 -19.97 -15.62
C GLU A 259 21.03 -19.18 -16.92
N GLY A 260 20.83 -19.87 -18.05
CA GLY A 260 20.87 -19.20 -19.34
C GLY A 260 20.01 -17.95 -19.38
N GLN A 261 18.85 -17.99 -18.73
CA GLN A 261 18.01 -16.80 -18.71
C GLN A 261 18.45 -15.81 -17.64
N LEU A 262 19.06 -16.27 -16.54
CA LEU A 262 19.63 -15.33 -15.59
C LEU A 262 20.74 -14.51 -16.25
N LEU A 263 21.59 -15.16 -17.05
CA LEU A 263 22.66 -14.43 -17.71
C LEU A 263 22.09 -13.36 -18.65
N ASN A 264 21.03 -13.71 -19.40
CA ASN A 264 20.39 -12.73 -20.26
C ASN A 264 19.73 -11.61 -19.46
N THR A 265 19.39 -11.86 -18.19
CA THR A 265 18.84 -10.79 -17.36
C THR A 265 19.93 -9.85 -16.86
N LEU A 266 21.07 -10.40 -16.43
CA LEU A 266 22.19 -9.56 -16.05
C LEU A 266 22.72 -8.80 -17.25
N LYS A 267 22.69 -9.41 -18.43
CA LYS A 267 23.07 -8.72 -19.66
C LYS A 267 22.21 -7.48 -19.89
N ILE A 268 20.90 -7.64 -19.80
CA ILE A 268 20.00 -6.51 -20.02
C ILE A 268 20.31 -5.39 -19.04
N TYR A 269 20.48 -5.75 -17.76
CA TYR A 269 20.68 -4.73 -16.73
C TYR A 269 22.07 -4.13 -16.81
N TYR A 270 23.10 -4.95 -16.99
CA TYR A 270 24.44 -4.39 -17.12
C TYR A 270 24.52 -3.47 -18.32
N ASN A 271 24.02 -3.93 -19.48
CA ASN A 271 24.15 -3.14 -20.70
C ASN A 271 23.34 -1.85 -20.64
N ALA A 272 22.20 -1.86 -19.95
CA ALA A 272 21.46 -0.63 -19.76
C ALA A 272 22.13 0.28 -18.74
N THR A 273 22.94 -0.28 -17.84
CA THR A 273 23.55 0.49 -16.77
C THR A 273 24.91 1.06 -17.13
N ALA A 274 25.67 0.36 -17.97
CA ALA A 274 27.03 0.80 -18.27
C ALA A 274 27.09 2.21 -18.83
N PRO A 275 26.26 2.61 -19.79
CA PRO A 275 26.34 3.99 -20.31
C PRO A 275 25.92 5.04 -19.28
N LEU A 276 25.35 4.64 -18.15
CA LEU A 276 24.89 5.57 -17.14
C LEU A 276 25.92 5.79 -16.03
N MET A 277 26.96 4.96 -15.95
CA MET A 277 27.98 5.16 -14.94
C MET A 277 28.84 6.38 -15.30
N GLY A 278 29.12 7.20 -14.29
CA GLY A 278 29.74 8.49 -14.50
C GLY A 278 28.76 9.62 -14.76
N LYS A 279 27.51 9.31 -15.08
CA LYS A 279 26.48 10.30 -15.33
C LYS A 279 25.41 10.29 -14.25
N SER A 280 24.84 9.12 -13.95
CA SER A 280 23.89 8.99 -12.85
C SER A 280 24.64 8.65 -11.58
N SER A 281 24.43 9.47 -10.54
CA SER A 281 25.03 9.16 -9.24
C SER A 281 24.38 7.94 -8.61
N LEU A 282 23.13 7.66 -8.96
CA LEU A 282 22.37 6.57 -8.35
C LEU A 282 21.63 5.81 -9.43
N ILE A 283 21.85 4.49 -9.47
CA ILE A 283 21.19 3.59 -10.41
C ILE A 283 20.45 2.54 -9.61
N ILE A 284 19.24 2.19 -10.06
CA ILE A 284 18.35 1.33 -9.29
C ILE A 284 17.77 0.26 -10.20
N TRP A 285 17.95 -1.02 -9.81
CA TRP A 285 17.28 -2.16 -10.42
C TRP A 285 16.16 -2.63 -9.50
N PRO A 286 15.09 -3.22 -10.06
CA PRO A 286 13.88 -3.47 -9.24
C PRO A 286 13.96 -4.68 -8.33
N GLU A 287 12.82 -5.04 -7.73
CA GLU A 287 12.77 -6.17 -6.81
C GLU A 287 13.29 -7.44 -7.49
N SER A 288 14.20 -8.12 -6.81
CA SER A 288 14.74 -9.40 -7.29
C SER A 288 15.24 -9.27 -8.73
N ALA A 289 15.81 -8.12 -9.07
CA ALA A 289 16.34 -7.95 -10.42
C ALA A 289 17.34 -9.06 -10.73
N ILE A 290 18.26 -9.31 -9.81
CA ILE A 290 19.20 -10.42 -9.92
C ILE A 290 18.48 -11.65 -9.40
N THR A 291 17.96 -12.48 -10.33
CA THR A 291 17.17 -13.65 -9.99
C THR A 291 18.06 -14.84 -9.65
N ASP A 292 19.02 -14.64 -8.76
CA ASP A 292 19.94 -15.67 -8.34
C ASP A 292 20.42 -15.34 -6.94
N LEU A 293 20.96 -16.35 -6.26
CA LEU A 293 21.42 -16.16 -4.89
C LEU A 293 22.65 -15.25 -4.88
N GLU A 294 22.68 -14.33 -3.90
CA GLU A 294 23.81 -13.44 -3.76
C GLU A 294 25.11 -14.24 -3.61
N ILE A 295 25.07 -15.33 -2.83
CA ILE A 295 26.24 -16.18 -2.65
C ILE A 295 26.80 -16.63 -4.00
N ASN A 296 25.94 -16.83 -4.99
CA ASN A 296 26.35 -17.41 -6.27
C ASN A 296 26.80 -16.38 -7.29
N GLN A 297 26.80 -15.09 -6.92
CA GLN A 297 27.10 -14.02 -7.87
C GLN A 297 28.17 -13.07 -7.33
N GLN A 298 29.04 -13.57 -6.45
CA GLN A 298 30.12 -12.73 -5.93
C GLN A 298 30.99 -12.17 -7.05
N PRO A 299 31.46 -12.96 -8.02
CA PRO A 299 32.33 -12.37 -9.06
C PRO A 299 31.64 -11.29 -9.89
N PHE A 300 30.38 -11.51 -10.28
CA PHE A 300 29.65 -10.46 -11.00
C PHE A 300 29.48 -9.21 -10.14
N LEU A 301 29.13 -9.39 -8.86
CA LEU A 301 28.81 -8.24 -8.02
C LEU A 301 30.07 -7.45 -7.67
N LYS A 302 31.20 -8.13 -7.47
CA LYS A 302 32.44 -7.42 -7.18
C LYS A 302 32.94 -6.67 -8.40
N ALA A 303 32.90 -7.29 -9.58
CA ALA A 303 33.29 -6.59 -10.80
C ALA A 303 32.43 -5.37 -11.02
N LEU A 304 31.11 -5.53 -10.90
CA LEU A 304 30.21 -4.39 -11.07
C LEU A 304 30.48 -3.30 -10.04
N ASP A 305 30.77 -3.71 -8.79
CA ASP A 305 31.14 -2.74 -7.77
C ASP A 305 32.32 -1.89 -8.22
N GLY A 306 33.37 -2.54 -8.74
CA GLY A 306 34.55 -1.80 -9.15
C GLY A 306 34.27 -0.82 -10.28
N GLU A 307 33.53 -1.27 -11.30
CA GLU A 307 33.20 -0.39 -12.41
C GLU A 307 32.38 0.81 -11.95
N LEU A 308 31.44 0.58 -11.03
CA LEU A 308 30.65 1.69 -10.50
C LEU A 308 31.52 2.64 -9.68
N ARG A 309 32.41 2.09 -8.85
CA ARG A 309 33.26 2.92 -8.01
C ARG A 309 34.21 3.75 -8.85
N ASP A 310 34.77 3.16 -9.91
CA ASP A 310 35.72 3.88 -10.75
C ASP A 310 35.08 4.99 -11.57
N LYS A 311 33.76 5.09 -11.60
CA LYS A 311 33.07 6.14 -12.33
C LYS A 311 32.23 7.05 -11.43
N GLY A 312 32.27 6.85 -10.12
CA GLY A 312 31.56 7.72 -9.21
C GLY A 312 30.07 7.46 -9.10
N SER A 313 29.58 6.32 -9.58
CA SER A 313 28.18 5.97 -9.52
C SER A 313 27.94 4.89 -8.48
N SER A 314 26.69 4.80 -8.03
CA SER A 314 26.25 3.77 -7.10
C SER A 314 25.08 3.01 -7.70
N LEU A 315 24.94 1.74 -7.31
CA LEU A 315 23.84 0.92 -7.75
C LEU A 315 23.14 0.31 -6.55
N VAL A 316 21.81 0.41 -6.53
CA VAL A 316 20.95 -0.27 -5.58
C VAL A 316 20.13 -1.29 -6.38
N THR A 317 20.07 -2.52 -5.88
CA THR A 317 19.41 -3.56 -6.67
C THR A 317 18.74 -4.58 -5.76
N GLY A 318 17.63 -5.14 -6.24
CA GLY A 318 17.01 -6.25 -5.57
C GLY A 318 17.73 -7.55 -5.86
N ILE A 319 17.63 -8.48 -4.93
CA ILE A 319 18.29 -9.78 -5.06
C ILE A 319 17.73 -10.67 -3.96
N VAL A 320 17.86 -11.98 -4.15
CA VAL A 320 17.50 -12.97 -3.15
C VAL A 320 18.79 -13.41 -2.45
N ASP A 321 18.79 -13.35 -1.12
CA ASP A 321 19.98 -13.66 -0.32
C ASP A 321 19.65 -14.80 0.63
N ALA A 322 20.15 -16.00 0.30
CA ALA A 322 20.07 -17.15 1.20
C ALA A 322 21.31 -17.11 2.08
N ARG A 323 21.15 -16.64 3.31
CA ARG A 323 22.27 -16.41 4.21
C ARG A 323 22.33 -17.52 5.25
N LEU A 324 23.51 -18.14 5.37
CA LEU A 324 23.71 -19.20 6.36
C LEU A 324 23.84 -18.57 7.76
N ASN A 325 23.12 -19.12 8.73
CA ASN A 325 22.92 -18.48 10.02
C ASN A 325 23.69 -19.21 11.14
N LYS A 326 23.43 -18.75 12.37
CA LYS A 326 24.05 -19.37 13.56
C LYS A 326 23.87 -20.88 13.55
N GLN A 327 22.69 -21.36 13.18
CA GLN A 327 22.30 -22.75 13.26
C GLN A 327 22.65 -23.53 12.00
N ASN A 328 23.51 -22.97 11.14
CA ASN A 328 23.94 -23.62 9.91
C ASN A 328 22.77 -24.01 9.02
N ARG A 329 21.72 -23.20 9.05
CA ARG A 329 20.63 -23.24 8.09
C ARG A 329 20.61 -21.94 7.31
N TYR A 330 19.80 -21.92 6.25
CA TYR A 330 19.74 -20.78 5.35
C TYR A 330 18.45 -20.00 5.59
N ASP A 331 18.59 -18.74 6.01
CA ASP A 331 17.49 -17.79 5.97
C ASP A 331 17.47 -17.16 4.58
N THR A 332 16.37 -17.34 3.86
CA THR A 332 16.23 -16.78 2.52
C THR A 332 15.46 -15.47 2.62
N TYR A 333 16.12 -14.37 2.25
CA TYR A 333 15.56 -13.04 2.35
C TYR A 333 15.28 -12.47 0.97
N ASN A 334 14.27 -11.60 0.91
CA ASN A 334 14.04 -10.72 -0.24
C ASN A 334 14.80 -9.43 0.07
N THR A 335 15.87 -9.18 -0.69
CA THR A 335 16.94 -8.29 -0.23
C THR A 335 17.21 -7.17 -1.22
N ILE A 336 17.70 -6.06 -0.69
CA ILE A 336 18.24 -4.95 -1.46
C ILE A 336 19.72 -4.81 -1.09
N ILE A 337 20.58 -4.78 -2.09
CA ILE A 337 22.01 -4.59 -1.86
C ILE A 337 22.45 -3.30 -2.55
N THR A 338 23.61 -2.81 -2.12
CA THR A 338 24.19 -1.58 -2.62
C THR A 338 25.62 -1.83 -3.09
N LEU A 339 26.04 -1.06 -4.09
CA LEU A 339 27.39 -1.21 -4.64
C LEU A 339 27.88 0.15 -5.13
N GLY A 340 29.19 0.25 -5.27
CA GLY A 340 29.78 1.43 -5.89
C GLY A 340 30.19 2.49 -4.89
N LYS A 341 30.25 3.72 -5.39
CA LYS A 341 30.73 4.85 -4.60
C LYS A 341 29.84 5.07 -3.38
N GLY A 342 30.47 5.22 -2.22
CA GLY A 342 29.73 5.40 -0.99
C GLY A 342 28.98 4.19 -0.52
N ALA A 343 29.25 3.02 -1.11
CA ALA A 343 28.58 1.78 -0.73
C ALA A 343 29.37 0.61 -1.31
N PRO A 344 30.63 0.42 -0.90
CA PRO A 344 31.43 -0.67 -1.46
C PRO A 344 30.77 -2.00 -1.18
N TYR A 345 30.55 -2.78 -2.24
CA TYR A 345 29.84 -4.04 -2.06
C TYR A 345 30.64 -4.99 -1.17
N SER A 346 29.91 -5.78 -0.39
CA SER A 346 30.47 -6.80 0.48
C SER A 346 29.32 -7.68 0.94
N TYR A 347 29.53 -9.00 0.91
CA TYR A 347 28.51 -9.89 1.45
C TYR A 347 28.28 -9.64 2.93
N GLU A 348 29.25 -9.07 3.62
CA GLU A 348 29.14 -8.78 5.05
C GLU A 348 28.77 -7.32 5.33
N SER A 349 28.56 -6.51 4.29
CA SER A 349 28.08 -5.15 4.50
C SER A 349 26.75 -5.18 5.24
N ALA A 350 26.52 -4.14 6.05
CA ALA A 350 25.21 -3.90 6.65
C ALA A 350 24.40 -2.87 5.86
N ASP A 351 24.99 -2.33 4.79
CA ASP A 351 24.29 -1.42 3.88
C ASP A 351 23.37 -2.24 2.97
N ARG A 352 22.28 -2.70 3.56
CA ARG A 352 21.40 -3.66 2.89
C ARG A 352 20.06 -3.65 3.61
N TYR A 353 19.07 -4.28 2.98
CA TYR A 353 17.71 -4.28 3.51
C TYR A 353 17.06 -5.61 3.18
N ASN A 354 16.44 -6.23 4.19
CA ASN A 354 15.75 -7.49 4.04
C ASN A 354 14.26 -7.26 4.28
N LYS A 355 13.43 -7.62 3.31
CA LYS A 355 12.00 -7.42 3.41
C LYS A 355 11.47 -7.95 4.74
N ASN A 356 10.64 -7.14 5.41
CA ASN A 356 10.05 -7.55 6.67
C ASN A 356 8.68 -8.18 6.49
N HIS A 357 7.79 -7.51 5.76
CA HIS A 357 6.39 -7.94 5.66
C HIS A 357 6.21 -8.72 4.35
N LEU A 358 6.11 -10.04 4.48
CA LEU A 358 5.93 -10.90 3.33
C LEU A 358 4.50 -10.79 2.80
N VAL A 359 4.33 -11.07 1.51
CA VAL A 359 3.03 -10.96 0.86
C VAL A 359 2.20 -12.17 1.22
N PRO A 360 1.04 -12.01 1.85
CA PRO A 360 0.20 -13.18 2.15
C PRO A 360 -0.17 -13.91 0.86
N PHE A 361 0.09 -15.22 0.86
CA PHE A 361 -0.16 -16.17 -0.21
C PHE A 361 0.83 -16.03 -1.36
N GLY A 362 1.69 -15.02 -1.36
CA GLY A 362 2.72 -14.90 -2.37
C GLY A 362 4.06 -15.42 -1.90
N GLU A 363 4.50 -14.94 -0.74
CA GLU A 363 5.77 -15.36 -0.15
C GLU A 363 5.60 -16.24 1.08
N PHE A 364 4.38 -16.36 1.59
CA PHE A 364 4.06 -17.30 2.67
C PHE A 364 2.56 -17.54 2.63
N VAL A 365 2.11 -18.55 3.35
CA VAL A 365 0.69 -18.83 3.53
C VAL A 365 0.33 -18.57 4.99
N PRO A 366 -0.66 -17.73 5.26
CA PRO A 366 -1.03 -17.49 6.67
C PRO A 366 -1.37 -18.80 7.37
N LEU A 367 -0.93 -18.91 8.63
CA LEU A 367 -1.11 -20.05 9.51
C LEU A 367 -0.21 -21.23 9.15
N GLU A 368 0.69 -21.09 8.18
CA GLU A 368 1.43 -22.25 7.71
C GLU A 368 2.34 -22.82 8.78
N SER A 369 2.81 -21.99 9.72
CA SER A 369 3.68 -22.50 10.78
C SER A 369 2.94 -23.47 11.69
N ILE A 370 1.68 -23.18 12.00
CA ILE A 370 0.91 -24.04 12.90
C ILE A 370 0.69 -25.41 12.27
N LEU A 371 0.23 -25.42 11.02
CA LEU A 371 -0.23 -26.63 10.36
C LEU A 371 0.88 -27.35 9.58
N ARG A 372 2.14 -27.03 9.85
CA ARG A 372 3.26 -27.58 9.11
C ARG A 372 3.61 -29.00 9.53
N PRO A 373 3.60 -29.32 10.83
CA PRO A 373 4.03 -30.67 11.25
C PRO A 373 3.24 -31.80 10.59
N LEU A 374 2.07 -31.53 10.03
CA LEU A 374 1.24 -32.57 9.44
C LEU A 374 1.41 -32.68 7.93
N ALA A 375 2.32 -31.91 7.33
CA ALA A 375 2.46 -31.92 5.88
C ALA A 375 3.57 -32.86 5.44
N PRO A 376 3.34 -33.69 4.41
CA PRO A 376 4.45 -34.50 3.88
C PRO A 376 5.60 -33.63 3.42
N PHE A 377 6.82 -34.04 3.77
CA PHE A 377 7.99 -33.23 3.45
C PHE A 377 8.07 -32.94 1.96
N PHE A 378 7.75 -33.94 1.12
CA PHE A 378 7.87 -33.76 -0.32
C PHE A 378 6.91 -32.70 -0.86
N ASP A 379 5.81 -32.41 -0.15
CA ASP A 379 4.85 -31.42 -0.61
C ASP A 379 5.17 -30.01 -0.12
N LEU A 380 6.06 -29.86 0.86
CA LEU A 380 6.38 -28.54 1.37
C LEU A 380 7.25 -27.78 0.38
N PRO A 381 7.13 -26.46 0.33
CA PRO A 381 7.97 -25.68 -0.60
C PRO A 381 9.45 -25.91 -0.31
N MET A 382 10.25 -25.81 -1.37
CA MET A 382 11.68 -26.05 -1.22
C MET A 382 12.28 -25.14 -0.16
N SER A 383 11.99 -23.85 -0.24
CA SER A 383 12.52 -22.86 0.68
C SER A 383 11.40 -21.99 1.21
N SER A 384 11.58 -21.51 2.44
CA SER A 384 10.68 -20.56 3.07
C SER A 384 11.37 -19.21 3.20
N PHE A 385 10.61 -18.14 3.02
CA PHE A 385 11.16 -16.80 3.17
C PHE A 385 11.23 -16.42 4.65
N SER A 386 12.36 -15.84 5.04
CA SER A 386 12.53 -15.28 6.37
C SER A 386 12.26 -13.77 6.31
N ARG A 387 12.03 -13.19 7.48
CA ARG A 387 11.66 -11.79 7.60
C ARG A 387 12.81 -11.00 8.22
N GLY A 388 13.13 -9.86 7.62
CA GLY A 388 14.03 -8.92 8.23
C GLY A 388 13.36 -8.16 9.35
N PRO A 389 14.17 -7.44 10.13
CA PRO A 389 13.62 -6.73 11.28
C PRO A 389 12.60 -5.68 10.84
N TYR A 390 11.71 -5.33 11.78
CA TYR A 390 10.70 -4.32 11.51
C TYR A 390 11.34 -2.97 11.22
N ILE A 391 12.35 -2.60 12.00
CA ILE A 391 13.10 -1.36 11.80
C ILE A 391 14.49 -1.74 11.28
N GLN A 392 14.91 -1.10 10.20
CA GLN A 392 16.26 -1.26 9.68
C GLN A 392 16.79 0.10 9.27
N PRO A 393 18.10 0.32 9.35
CA PRO A 393 18.65 1.64 9.03
C PRO A 393 18.43 1.99 7.58
N PRO A 394 18.49 3.28 7.24
CA PRO A 394 18.46 3.65 5.83
C PRO A 394 19.63 3.03 5.06
N LEU A 395 19.38 2.69 3.81
CA LEU A 395 20.47 2.38 2.90
C LEU A 395 21.24 3.66 2.62
N SER A 396 22.53 3.51 2.30
CA SER A 396 23.37 4.64 1.96
C SER A 396 24.09 4.36 0.64
N ALA A 397 23.88 5.23 -0.34
CA ALA A 397 24.53 5.11 -1.64
C ALA A 397 25.00 6.49 -2.07
N ASN A 398 26.29 6.58 -2.41
CA ASN A 398 26.88 7.85 -2.86
C ASN A 398 26.54 8.99 -1.93
N GLY A 399 26.52 8.72 -0.63
CA GLY A 399 26.20 9.72 0.36
C GLY A 399 24.74 10.05 0.49
N ILE A 400 23.85 9.26 -0.09
CA ILE A 400 22.41 9.51 -0.07
C ILE A 400 21.76 8.51 0.87
N GLU A 401 20.86 9.00 1.72
CA GLU A 401 20.13 8.16 2.66
C GLU A 401 18.80 7.76 2.05
N LEU A 402 18.54 6.45 1.98
CA LEU A 402 17.35 5.92 1.34
C LEU A 402 16.61 5.03 2.32
N THR A 403 15.39 5.41 2.67
CA THR A 403 14.53 4.59 3.51
C THR A 403 13.80 3.61 2.60
N ALA A 404 14.05 2.33 2.80
CA ALA A 404 13.69 1.31 1.83
C ALA A 404 12.43 0.56 2.25
N ALA A 405 11.64 0.19 1.26
CA ALA A 405 10.49 -0.69 1.43
C ALA A 405 10.37 -1.49 0.15
N ILE A 406 10.12 -2.79 0.27
CA ILE A 406 10.03 -3.67 -0.89
C ILE A 406 8.56 -3.92 -1.21
N CYS A 407 8.14 -3.55 -2.42
CA CYS A 407 6.88 -4.01 -2.97
C CYS A 407 5.73 -3.73 -1.99
N TYR A 408 4.96 -4.76 -1.61
CA TYR A 408 3.80 -4.57 -0.74
C TYR A 408 4.09 -3.73 0.50
N GLU A 409 5.34 -3.63 0.93
CA GLU A 409 5.65 -2.91 2.15
C GLU A 409 5.31 -1.43 2.07
N ILE A 410 5.31 -0.87 0.86
CA ILE A 410 5.09 0.57 0.71
C ILE A 410 3.68 0.98 1.10
N ILE A 411 2.74 0.03 1.17
CA ILE A 411 1.38 0.38 1.57
C ILE A 411 1.23 0.50 3.08
N LEU A 412 2.25 0.12 3.84
CA LEU A 412 2.17 0.06 5.30
C LEU A 412 2.72 1.37 5.84
N GLY A 413 1.84 2.36 5.96
CA GLY A 413 2.28 3.72 6.27
C GLY A 413 3.04 3.81 7.57
N GLU A 414 2.50 3.19 8.63
CA GLU A 414 3.13 3.30 9.93
C GLU A 414 4.51 2.67 9.93
N GLN A 415 4.66 1.54 9.24
CA GLN A 415 5.96 0.88 9.17
C GLN A 415 6.97 1.74 8.42
N VAL A 416 6.58 2.29 7.28
CA VAL A 416 7.50 3.13 6.51
C VAL A 416 7.91 4.33 7.35
N ARG A 417 6.98 4.88 8.14
CA ARG A 417 7.29 6.05 8.93
C ARG A 417 8.22 5.71 10.09
N ASP A 418 8.13 4.50 10.64
CA ASP A 418 9.01 4.11 11.72
C ASP A 418 10.43 3.82 11.25
N ASN A 419 10.60 3.44 9.97
CA ASN A 419 11.93 3.30 9.40
C ASN A 419 12.49 4.61 8.89
N PHE A 420 11.62 5.59 8.63
CA PHE A 420 12.05 6.91 8.22
C PHE A 420 12.85 7.58 9.34
N ARG A 421 13.89 8.30 8.96
CA ARG A 421 14.66 9.10 9.90
C ARG A 421 14.77 10.52 9.37
N PRO A 422 14.96 11.50 10.25
CA PRO A 422 15.05 12.90 9.77
C PRO A 422 16.09 13.10 8.68
N ASP A 423 17.15 12.31 8.66
CA ASP A 423 18.20 12.45 7.66
C ASP A 423 17.90 11.69 6.37
N THR A 424 16.81 10.93 6.31
CA THR A 424 16.40 10.28 5.08
C THR A 424 16.28 11.31 3.95
N ASP A 425 16.91 11.00 2.82
CA ASP A 425 16.89 11.88 1.66
C ASP A 425 15.78 11.50 0.68
N TYR A 426 15.62 10.20 0.41
CA TYR A 426 14.58 9.71 -0.47
C TYR A 426 13.96 8.47 0.15
N LEU A 427 12.66 8.30 -0.06
CA LEU A 427 12.05 6.99 0.12
C LEU A 427 12.38 6.13 -1.10
N LEU A 428 12.58 4.85 -0.87
CA LEU A 428 12.94 3.91 -1.93
C LEU A 428 11.97 2.74 -1.89
N THR A 429 11.40 2.41 -3.05
CA THR A 429 10.63 1.20 -3.18
C THR A 429 11.00 0.53 -4.50
N ILE A 430 11.32 -0.76 -4.42
CA ILE A 430 11.50 -1.60 -5.60
C ILE A 430 10.47 -2.71 -5.53
N SER A 431 9.89 -3.07 -6.67
CA SER A 431 8.86 -4.09 -6.71
C SER A 431 8.80 -4.69 -8.10
N ASN A 432 8.07 -5.80 -8.20
CA ASN A 432 7.77 -6.43 -9.48
C ASN A 432 6.30 -6.78 -9.47
N ASP A 433 5.50 -6.02 -10.23
CA ASP A 433 4.06 -6.22 -10.30
C ASP A 433 3.64 -6.93 -11.58
N ALA A 434 4.57 -7.59 -12.25
CA ALA A 434 4.23 -8.32 -13.48
C ALA A 434 3.24 -9.44 -13.22
N TRP A 435 3.15 -9.94 -11.98
CA TRP A 435 2.25 -11.04 -11.71
C TRP A 435 0.81 -10.70 -12.12
N PHE A 436 0.45 -9.42 -12.10
CA PHE A 436 -0.93 -9.00 -12.33
C PHE A 436 -1.12 -8.26 -13.64
N GLY A 437 -0.14 -8.33 -14.55
CA GLY A 437 -0.35 -7.92 -15.93
C GLY A 437 -0.98 -6.55 -16.10
N LYS A 438 -2.05 -6.51 -16.90
CA LYS A 438 -2.65 -5.26 -17.35
C LYS A 438 -3.78 -4.77 -16.46
N SER A 439 -3.90 -5.30 -15.25
CA SER A 439 -5.06 -5.04 -14.43
C SER A 439 -4.84 -3.78 -13.59
N ILE A 440 -5.88 -3.43 -12.82
CA ILE A 440 -5.85 -2.22 -11.99
C ILE A 440 -5.01 -2.38 -10.74
N GLY A 441 -4.57 -3.59 -10.41
CA GLY A 441 -3.76 -3.83 -9.24
C GLY A 441 -2.53 -2.95 -9.17
N PRO A 442 -1.64 -3.07 -10.15
CA PRO A 442 -0.43 -2.22 -10.14
C PRO A 442 -0.73 -0.74 -9.99
N TRP A 443 -1.85 -0.25 -10.52
CA TRP A 443 -2.17 1.16 -10.38
C TRP A 443 -2.61 1.50 -8.97
N GLN A 444 -3.46 0.65 -8.36
CA GLN A 444 -3.81 0.86 -6.96
C GLN A 444 -2.57 0.84 -6.08
N HIS A 445 -1.66 -0.09 -6.33
CA HIS A 445 -0.39 -0.16 -5.59
C HIS A 445 0.39 1.14 -5.76
N PHE A 446 0.56 1.58 -6.99
CA PHE A 446 1.25 2.84 -7.26
C PHE A 446 0.59 4.00 -6.54
N GLN A 447 -0.75 4.00 -6.50
CA GLN A 447 -1.47 5.08 -5.84
C GLN A 447 -1.07 5.18 -4.37
N MET A 448 -1.05 4.05 -3.66
CA MET A 448 -0.72 4.08 -2.24
C MET A 448 0.74 4.46 -2.02
N ALA A 449 1.63 4.03 -2.91
CA ALA A 449 3.04 4.39 -2.77
C ALA A 449 3.20 5.90 -2.72
N ARG A 450 2.45 6.63 -3.54
CA ARG A 450 2.56 8.09 -3.56
C ARG A 450 2.18 8.70 -2.22
N MET A 451 1.23 8.09 -1.51
CA MET A 451 0.81 8.65 -0.23
C MET A 451 1.96 8.69 0.77
N ARG A 452 2.95 7.81 0.62
CA ARG A 452 4.09 7.83 1.55
C ARG A 452 4.94 9.08 1.33
N ALA A 453 5.23 9.40 0.06
CA ALA A 453 5.98 10.62 -0.24
C ALA A 453 5.29 11.85 0.33
N LEU A 454 3.96 11.91 0.21
CA LEU A 454 3.22 13.03 0.74
C LEU A 454 3.20 13.02 2.26
N GLU A 455 3.12 11.83 2.87
CA GLU A 455 3.05 11.75 4.32
C GLU A 455 4.36 12.20 4.97
N LEU A 456 5.50 11.80 4.40
CA LEU A 456 6.80 12.08 4.98
C LEU A 456 7.54 13.21 4.29
N ALA A 457 6.93 13.83 3.28
CA ALA A 457 7.51 14.97 2.58
C ALA A 457 8.94 14.64 2.14
N ARG A 458 9.07 13.55 1.40
CA ARG A 458 10.33 13.11 0.84
C ARG A 458 10.03 12.62 -0.57
N PRO A 459 10.91 12.87 -1.53
CA PRO A 459 10.73 12.24 -2.85
C PRO A 459 10.85 10.74 -2.71
N LEU A 460 10.08 10.03 -3.51
CA LEU A 460 10.05 8.57 -3.48
C LEU A 460 10.46 8.03 -4.84
N LEU A 461 11.47 7.18 -4.84
CA LEU A 461 11.97 6.54 -6.05
C LEU A 461 11.35 5.14 -6.12
N ARG A 462 10.57 4.88 -7.16
CA ARG A 462 9.89 3.61 -7.31
C ARG A 462 10.42 2.91 -8.56
N SER A 463 11.20 1.87 -8.37
CA SER A 463 11.76 1.08 -9.45
C SER A 463 11.00 -0.23 -9.55
N THR A 464 10.48 -0.54 -10.75
CA THR A 464 9.75 -1.77 -10.94
C THR A 464 10.29 -2.52 -12.15
N ASN A 465 9.86 -3.77 -12.25
CA ASN A 465 10.32 -4.66 -13.32
C ASN A 465 9.65 -4.31 -14.64
N ASN A 466 8.33 -4.14 -14.64
CA ASN A 466 7.61 -3.77 -15.85
C ASN A 466 6.55 -2.72 -15.57
N GLY A 467 6.76 -1.89 -14.57
CA GLY A 467 5.88 -0.80 -14.23
C GLY A 467 5.16 -1.05 -12.90
N ILE A 468 4.77 0.04 -12.22
CA ILE A 468 4.92 1.41 -12.68
C ILE A 468 6.17 2.05 -12.05
N THR A 469 7.09 2.49 -12.90
CA THR A 469 8.35 3.07 -12.47
C THR A 469 8.24 4.58 -12.55
N ALA A 470 8.56 5.26 -11.44
CA ALA A 470 8.28 6.68 -11.36
C ALA A 470 9.07 7.31 -10.23
N VAL A 471 9.23 8.62 -10.31
CA VAL A 471 9.75 9.43 -9.23
C VAL A 471 8.58 10.26 -8.70
N ILE A 472 8.30 10.12 -7.41
CA ILE A 472 7.24 10.88 -6.76
C ILE A 472 7.88 12.01 -5.96
N GLY A 473 7.31 13.19 -6.06
CA GLY A 473 7.83 14.36 -5.35
C GLY A 473 7.31 14.42 -3.93
N PRO A 474 7.85 15.38 -3.17
CA PRO A 474 7.55 15.44 -1.73
C PRO A 474 6.09 15.78 -1.41
N GLN A 475 5.23 15.95 -2.40
CA GLN A 475 3.81 16.18 -2.18
C GLN A 475 2.96 15.22 -2.99
N GLY A 476 3.47 14.00 -3.20
CA GLY A 476 2.73 12.98 -3.91
C GLY A 476 2.60 13.19 -5.40
N GLU A 477 3.08 14.30 -5.93
CA GLU A 477 2.94 14.59 -7.36
C GLU A 477 3.83 13.66 -8.16
N ILE A 478 3.36 13.25 -9.34
CA ILE A 478 4.15 12.43 -10.24
C ILE A 478 5.15 13.35 -10.94
N GLN A 479 6.43 13.18 -10.64
CA GLN A 479 7.49 14.03 -11.14
C GLN A 479 8.15 13.46 -12.38
N ALA A 480 8.23 12.13 -12.48
CA ALA A 480 8.70 11.46 -13.68
C ALA A 480 8.12 10.05 -13.69
N MET A 481 8.05 9.46 -14.88
CA MET A 481 7.43 8.16 -15.03
C MET A 481 7.69 7.64 -16.44
N ILE A 482 7.88 6.33 -16.55
CA ILE A 482 7.97 5.66 -17.85
C ILE A 482 6.77 4.73 -17.94
N PRO A 483 6.31 4.41 -19.14
CA PRO A 483 5.10 3.59 -19.27
C PRO A 483 5.35 2.15 -18.86
N GLN A 484 4.25 1.47 -18.56
CA GLN A 484 4.33 0.05 -18.22
C GLN A 484 4.75 -0.76 -19.45
N PHE A 485 5.15 -2.01 -19.18
CA PHE A 485 5.40 -3.00 -20.24
C PHE A 485 6.38 -2.45 -21.28
N THR A 486 7.48 -1.88 -20.79
CA THR A 486 8.53 -1.35 -21.64
C THR A 486 9.88 -1.69 -21.02
N ARG A 487 10.84 -2.06 -21.87
CA ARG A 487 12.23 -2.17 -21.45
C ARG A 487 12.84 -0.79 -21.62
N GLU A 488 12.96 -0.05 -20.52
CA GLU A 488 13.31 1.36 -20.57
C GLU A 488 14.09 1.73 -19.33
N VAL A 489 14.82 2.84 -19.43
CA VAL A 489 15.50 3.45 -18.30
C VAL A 489 14.87 4.80 -18.06
N LEU A 490 14.42 5.04 -16.83
CA LEU A 490 13.94 6.35 -16.41
C LEU A 490 15.13 7.12 -15.84
N THR A 491 15.55 8.17 -16.53
CA THR A 491 16.66 9.01 -16.08
C THR A 491 16.14 10.43 -15.90
N THR A 492 16.31 10.97 -14.71
CA THR A 492 15.88 12.32 -14.41
C THR A 492 16.71 12.86 -13.26
N ASN A 493 16.63 14.16 -13.05
CA ASN A 493 17.28 14.80 -11.92
C ASN A 493 16.30 14.88 -10.76
N VAL A 494 16.77 14.54 -9.57
CA VAL A 494 15.95 14.51 -8.37
C VAL A 494 16.67 15.28 -7.28
N THR A 495 15.90 16.00 -6.46
CA THR A 495 16.42 16.84 -5.41
C THR A 495 15.92 16.32 -4.06
N PRO A 496 16.82 16.07 -3.09
CA PRO A 496 16.35 15.63 -1.78
C PRO A 496 15.65 16.76 -1.03
N THR A 497 14.97 16.36 0.05
CA THR A 497 14.30 17.32 0.92
C THR A 497 14.60 16.98 2.37
N THR A 498 14.54 18.01 3.20
CA THR A 498 14.69 17.87 4.64
C THR A 498 13.51 18.56 5.31
N GLY A 499 13.28 18.20 6.57
CA GLY A 499 12.13 18.71 7.29
C GLY A 499 11.21 17.60 7.73
N LEU A 500 10.52 17.80 8.84
CA LEU A 500 9.67 16.79 9.45
C LEU A 500 8.21 17.23 9.35
N THR A 501 7.40 16.44 8.67
CA THR A 501 5.96 16.67 8.71
C THR A 501 5.44 16.33 10.11
N PRO A 502 4.32 16.92 10.52
CA PRO A 502 3.75 16.53 11.82
C PRO A 502 3.51 15.03 11.92
N TYR A 503 3.11 14.38 10.81
CA TYR A 503 2.88 12.95 10.86
C TYR A 503 4.19 12.17 11.00
N ALA A 504 5.26 12.66 10.37
CA ALA A 504 6.56 12.00 10.54
C ALA A 504 7.03 12.08 11.99
N ARG A 505 6.73 13.20 12.67
N ARG A 505 6.71 13.19 12.67
CA ARG A 505 7.15 13.34 14.06
CA ARG A 505 7.15 13.34 14.06
C ARG A 505 6.37 12.41 14.99
C ARG A 505 6.36 12.42 15.00
N THR A 506 5.06 12.26 14.74
CA THR A 506 4.17 11.56 15.66
C THR A 506 3.85 10.13 15.25
N GLY A 507 3.44 9.92 14.00
CA GLY A 507 2.89 8.65 13.62
C GLY A 507 1.38 8.60 13.82
N ASN A 508 0.87 7.43 14.19
CA ASN A 508 -0.57 7.20 14.24
C ASN A 508 -1.24 7.73 15.51
N TRP A 509 -0.48 7.96 16.59
CA TRP A 509 -1.12 8.05 17.89
C TRP A 509 -2.02 9.28 18.06
N PRO A 510 -1.78 10.39 17.35
CA PRO A 510 -2.76 11.49 17.42
C PRO A 510 -4.15 11.06 16.96
N LEU A 511 -4.25 10.34 15.85
CA LEU A 511 -5.57 9.93 15.36
C LEU A 511 -6.18 8.83 16.23
N TRP A 512 -5.35 7.99 16.85
CA TRP A 512 -5.89 6.98 17.75
C TRP A 512 -6.45 7.62 19.03
N VAL A 513 -5.85 8.73 19.47
CA VAL A 513 -6.44 9.47 20.58
C VAL A 513 -7.79 10.04 20.17
N LEU A 514 -7.82 10.79 19.06
CA LEU A 514 -9.08 11.29 18.53
C LEU A 514 -10.09 10.16 18.35
N THR A 515 -9.63 9.00 17.89
CA THR A 515 -10.52 7.86 17.75
C THR A 515 -11.01 7.37 19.10
N ALA A 516 -10.19 7.47 20.14
CA ALA A 516 -10.62 7.07 21.47
C ALA A 516 -11.57 8.09 22.09
N LEU A 517 -11.26 9.38 21.92
CA LEU A 517 -12.20 10.42 22.33
C LEU A 517 -13.56 10.19 21.68
N PHE A 518 -13.58 10.10 20.35
CA PHE A 518 -14.83 9.85 19.63
C PHE A 518 -15.46 8.54 20.09
N GLY A 519 -14.67 7.47 20.15
CA GLY A 519 -15.21 6.18 20.56
C GLY A 519 -15.75 6.20 21.97
N PHE A 520 -14.97 6.77 22.90
CA PHE A 520 -15.39 6.82 24.30
C PHE A 520 -16.66 7.64 24.47
N ALA A 521 -16.75 8.78 23.79
CA ALA A 521 -17.92 9.64 23.95
C ALA A 521 -19.16 9.01 23.34
N ALA A 522 -19.00 8.32 22.21
CA ALA A 522 -20.16 7.73 21.53
C ALA A 522 -20.74 6.58 22.35
N VAL A 523 -19.88 5.69 22.85
CA VAL A 523 -20.37 4.51 23.56
C VAL A 523 -20.97 4.90 24.90
N LEU A 524 -20.41 5.91 25.58
CA LEU A 524 -20.97 6.32 26.86
C LEU A 524 -22.38 6.87 26.68
N MET A 525 -22.61 7.66 25.62
CA MET A 525 -23.95 8.16 25.36
C MET A 525 -24.89 7.04 24.95
N SER A 526 -24.39 6.06 24.20
CA SER A 526 -25.19 4.89 23.87
C SER A 526 -25.55 4.09 25.11
N LEU A 527 -24.77 4.22 26.19
CA LEU A 527 -25.13 3.58 27.46
C LEU A 527 -26.17 4.41 28.20
N ARG A 528 -26.08 5.73 28.12
CA ARG A 528 -27.00 6.63 28.82
C ARG A 528 -28.45 6.28 28.53
C1 GOL B . 17.08 -21.73 -1.55
O1 GOL B . 16.13 -20.79 -1.98
C2 GOL B . 17.02 -22.91 -2.55
O2 GOL B . 16.61 -22.50 -3.82
C3 GOL B . 18.44 -23.48 -2.56
O3 GOL B . 18.82 -23.68 -1.23
H11 GOL B . 16.91 -22.06 -0.66
H12 GOL B . 17.98 -21.37 -1.54
HO1 GOL B . 16.00 -20.27 -1.31
H2 GOL B . 16.36 -23.56 -2.26
HO2 GOL B . 16.04 -23.07 -4.10
H31 GOL B . 19.03 -22.88 -3.04
H32 GOL B . 18.45 -24.30 -3.08
HO3 GOL B . 18.61 -24.47 -1.02
C1 GOL C . -31.46 5.02 -0.84
O1 GOL C . -30.15 5.11 -1.33
C2 GOL C . -31.36 4.32 0.52
O2 GOL C . -30.34 4.82 1.30
C3 GOL C . -32.74 4.52 1.18
O3 GOL C . -32.61 4.15 2.52
H11 GOL C . -32.05 4.52 -1.43
H12 GOL C . -31.88 5.89 -0.73
HO1 GOL C . -29.64 5.17 -0.66
H2 GOL C . -31.18 3.37 0.40
HO2 GOL C . -30.58 4.79 2.11
H31 GOL C . -33.40 4.00 0.70
H32 GOL C . -33.01 5.45 1.05
HO3 GOL C . -33.31 4.41 2.91
C1 GOL D . -1.04 -12.53 13.86
O1 GOL D . -0.56 -11.27 13.47
C2 GOL D . -2.44 -12.31 14.47
O2 GOL D . -3.34 -11.82 13.55
C3 GOL D . -2.85 -13.69 15.01
O3 GOL D . -4.25 -13.70 15.07
H11 GOL D . -0.46 -12.96 14.51
H12 GOL D . -1.10 -13.15 13.11
HO1 GOL D . 0.12 -11.41 13.00
H2 GOL D . -2.40 -11.65 15.18
H31 GOL D . -2.43 -13.83 15.88
H32 GOL D . -2.49 -14.38 14.43
HO3 GOL D . -4.51 -12.97 14.73
C1 GOL E . -20.13 -13.83 -7.88
O1 GOL E . -19.43 -14.34 -8.97
C2 GOL E . -20.41 -15.01 -6.94
O2 GOL E . -19.26 -15.48 -6.34
C3 GOL E . -21.42 -14.47 -5.91
O3 GOL E . -21.54 -15.43 -4.90
H11 GOL E . -19.63 -13.15 -7.40
H12 GOL E . -20.97 -13.41 -8.13
HO1 GOL E . -18.86 -13.75 -9.20
H2 GOL E . -20.79 -15.76 -7.42
H31 GOL E . -22.26 -14.28 -6.36
H32 GOL E . -21.12 -13.60 -5.59
HO3 GOL E . -20.84 -15.92 -4.96
C1 GOL F . -31.00 4.56 25.87
O1 GOL F . -30.39 5.50 25.04
C2 GOL F . -29.87 3.65 26.41
O2 GOL F . -28.70 4.35 26.59
C3 GOL F . -30.44 3.08 27.72
O3 GOL F . -29.63 1.99 28.08
H11 GOL F . -31.66 4.02 25.40
H12 GOL F . -31.46 4.97 26.62
HO1 GOL F . -31.01 5.88 24.59
H2 GOL F . -29.66 2.94 25.78
HO2 GOL F . -28.10 3.99 26.10
H31 GOL F . -31.37 2.83 27.58
H32 GOL F . -30.46 3.78 28.39
HO3 GOL F . -30.15 1.37 28.30
C1 GOL G . -7.31 22.95 15.15
O1 GOL G . -8.64 23.02 14.70
C2 GOL G . -6.54 24.09 14.43
O2 GOL G . -6.86 24.16 13.08
C3 GOL G . -5.05 23.79 14.65
O3 GOL G . -4.68 24.37 15.86
H11 GOL G . -6.89 22.10 14.95
H12 GOL G . -7.23 23.07 16.10
HO1 GOL G . -8.63 22.71 13.90
H2 GOL G . -6.78 24.95 14.81
HO2 GOL G . -6.77 23.38 12.75
H31 GOL G . -4.54 24.13 13.90
H32 GOL G . -4.91 22.82 14.63
HO3 GOL G . -4.87 23.81 16.47
C1 LH9 H . -12.91 -19.83 5.49
C10 LH9 H . -5.94 -16.79 -1.89
C11 LH9 H . -5.56 -16.47 -3.36
C12 LH9 H . -4.79 -15.12 -3.57
C13 LH9 H . -3.39 -15.23 -4.24
C14 LH9 H . -2.58 -13.90 -4.40
C15 LH9 H . -1.18 -14.12 -5.02
C16 LH9 H . -0.09 -13.05 -4.69
C17 LH9 H . 1.09 -13.16 -5.66
C18 LH9 H . 3.19 -12.10 -5.43
C19 LH9 H . 4.58 -12.21 -4.73
C2 LH9 H . -11.66 -18.94 5.42
C20 LH9 H . 5.35 -10.84 -4.80
C3 LH9 H . -11.59 -18.05 4.15
C4 LH9 H . -10.49 -16.96 4.26
C5 LH9 H . -10.12 -16.22 2.94
C6 LH9 H . -9.24 -17.03 1.96
C7 LH9 H . -8.18 -16.24 1.15
C8 LH9 H . -7.94 -16.68 -0.31
C9 LH9 H . -7.11 -16.11 -1.19
O1 LH9 H . 0.96 -13.20 -6.86
O2 LH9 H . 2.35 -13.20 -5.12
O3 LH9 H . 5.30 -13.15 -5.47
O4 LH9 H . 6.54 -11.02 -4.09
H1 LH9 H . -12.92 -20.49 6.37
H3 LH9 H . -13.84 -19.25 5.56
H2 LH9 H . -13.04 -20.48 4.63
H19 LH9 H . -5.03 -16.59 -1.28
H18 LH9 H . -6.09 -17.88 -1.83
H20 LH9 H . -6.47 -16.48 -3.99
H21 LH9 H . -4.95 -17.30 -3.77
H23 LH9 H . -5.43 -14.44 -4.17
H22 LH9 H . -4.69 -14.62 -2.59
H24 LH9 H . -3.52 -15.69 -5.24
H25 LH9 H . -2.79 -15.95 -3.67
H27 LH9 H . -3.16 -13.19 -5.03
H26 LH9 H . -2.48 -13.41 -3.42
H29 LH9 H . -0.80 -15.11 -4.72
H28 LH9 H . -1.28 -14.18 -6.13
H30 LH9 H . 0.29 -13.17 -3.66
H31 LH9 H . -0.50 -12.02 -4.73
H32 LH9 H . 2.68 -11.15 -5.14
H33 LH9 H . 3.32 -12.05 -6.54
H34 LH9 H . 4.50 -12.51 -3.65
H5 LH9 H . -10.78 -19.60 5.49
H4 LH9 H . -11.62 -18.32 6.34
H36 LH9 H . 5.56 -10.54 -5.85
H35 LH9 H . 4.75 -10.01 -4.34
H7 LH9 H . -11.42 -18.70 3.27
H6 LH9 H . -12.58 -17.60 3.97
H8 LH9 H . -10.82 -16.23 5.02
H9 LH9 H . -9.59 -17.43 4.69
H11 LH9 H . -9.61 -15.27 3.20
H10 LH9 H . -11.05 -15.91 2.43
H13 LH9 H . -8.72 -17.83 2.55
H12 LH9 H . -9.90 -17.58 1.27
H15 LH9 H . -8.47 -15.17 1.16
H14 LH9 H . -7.21 -16.28 1.70
H39 LH9 H . -8.55 -17.55 -0.58
H17 LH9 H . -7.24 -15.07 -1.49
H37 LH9 H . 4.75 -13.43 -6.22
H38 LH9 H . 6.85 -11.91 -4.28
C1 LH9 I . -5.34 -21.87 3.47
C10 LH9 I . -4.97 -11.88 3.53
C11 LH9 I . -5.04 -12.42 2.08
C12 LH9 I . -5.00 -11.35 0.93
C13 LH9 I . -3.62 -11.19 0.23
C14 LH9 I . -3.61 -10.87 -1.29
C15 LH9 I . -2.19 -10.62 -1.84
C16 LH9 I . -2.06 -9.78 -3.14
C17 LH9 I . -1.10 -8.61 -2.95
C18 LH9 I . 0.24 -7.31 -4.42
C19 LH9 I . 1.76 -7.00 -4.59
C2 LH9 I . -4.94 -20.75 4.43
C20 LH9 I . 2.56 -8.35 -4.70
C3 LH9 I . -6.14 -19.87 4.89
C4 LH9 I . -5.71 -18.54 5.59
C5 LH9 I . -6.86 -17.53 5.91
C6 LH9 I . -6.98 -16.30 4.94
C7 LH9 I . -6.10 -15.06 5.29
C8 LH9 I . -6.40 -13.73 4.58
C9 LH9 I . -5.72 -12.58 4.68
O1 LH9 I . -1.26 -7.75 -2.13
O2 LH9 I . 0.01 -8.55 -3.77
O3 LH9 I . 2.14 -6.38 -3.41
O4 LH9 I . 3.82 -8.01 -5.19
H1 LH9 I . -5.99 -22.63 3.92
H3 LH9 I . -5.89 -21.52 2.58
H2 LH9 I . -4.49 -22.43 3.06
H19 LH9 I . -5.30 -10.82 3.51
H18 LH9 I . -3.90 -11.83 3.81
H20 LH9 I . -5.98 -13.02 1.97
H21 LH9 I . -4.23 -13.15 1.92
H23 LH9 I . -5.77 -11.59 0.17
H22 LH9 I . -5.30 -10.37 1.34
H24 LH9 I . -3.03 -12.12 0.39
H25 LH9 I . -3.04 -10.41 0.76
H27 LH9 I . -4.08 -11.71 -1.85
H26 LH9 I . -4.26 -10.00 -1.49
H29 LH9 I . -1.59 -10.12 -1.05
H28 LH9 I . -1.69 -11.59 -2.00
H30 LH9 I . -3.04 -9.39 -3.47
H31 LH9 I . -1.70 -10.40 -4.00
H32 LH9 I . -0.26 -6.50 -3.83
H33 LH9 I . -0.27 -7.32 -5.40
H34 LH9 I . 1.98 -6.37 -5.48
H5 LH9 I . -4.43 -21.20 5.30
H4 LH9 I . -4.16 -20.14 3.93
H36 LH9 I . 2.65 -8.87 -3.71
H35 LH9 I . 2.05 -9.07 -5.38
H7 LH9 I . -6.77 -19.65 4.01
H6 LH9 I . -6.78 -20.47 5.56
H8 LH9 I . -5.16 -18.81 6.52
H9 LH9 I . -4.95 -18.06 4.95
H11 LH9 I . -7.82 -18.09 5.93
H10 LH9 I . -6.72 -17.17 6.95
H13 LH9 I . -6.74 -16.65 3.92
H12 LH9 I . -8.04 -16.01 4.89
H15 LH9 I . -6.17 -14.90 6.38
H14 LH9 I . -5.05 -15.33 5.12
H39 LH9 I . -7.27 -13.82 3.92
H17 LH9 I . -5.67 -12.04 5.63
H37 LH9 I . 2.31 -5.46 -3.59
H38 LH9 I . 3.69 -7.38 -5.90
C1 LH9 J . -31.12 4.25 -4.49
C10 LH9 J . -22.62 2.60 -9.10
C11 LH9 J . -22.73 1.24 -9.84
C12 LH9 J . -21.44 0.82 -10.62
C13 LH9 J . -20.61 -0.32 -9.98
C14 LH9 J . -19.42 -0.86 -10.83
C15 LH9 J . -18.36 0.21 -11.22
C16 LH9 J . -17.23 -0.30 -12.17
C17 LH9 J . -16.03 -0.84 -11.38
C18 LH9 J . -14.20 -2.36 -11.53
C19 LH9 J . -13.69 -3.39 -12.60
C2 LH9 J . -30.43 5.19 -5.48
C20 LH9 J . -13.53 -4.82 -11.98
C3 LH9 J . -29.98 4.48 -6.77
C4 LH9 J . -28.84 3.46 -6.55
C5 LH9 J . -27.81 3.41 -7.69
C6 LH9 J . -26.41 2.96 -7.26
C7 LH9 J . -25.31 4.01 -7.58
C8 LH9 J . -23.89 3.70 -7.15
C9 LH9 J . -23.10 2.74 -7.66
O1 LH9 J . -15.97 -0.87 -10.19
O2 LH9 J . -14.99 -1.34 -12.13
O3 LH9 J . -12.41 -2.93 -12.96
O4 LH9 J . -12.15 -5.07 -11.91
H1 LH9 J . -30.47 3.45 -4.11
H3 LH9 J . -31.49 4.77 -3.59
H2 LH9 J . -32.00 3.75 -4.89
H19 LH9 J . -23.15 3.36 -9.72
H18 LH9 J . -21.56 2.91 -9.14
H20 LH9 J . -23.59 1.26 -10.54
H21 LH9 J . -22.99 0.45 -9.11
H23 LH9 J . -21.73 0.51 -11.65
H22 LH9 J . -20.80 1.70 -10.76
H24 LH9 J . -20.22 0.03 -9.01
H25 LH9 J . -21.27 -1.17 -9.74
H27 LH9 J . -18.91 -1.68 -10.28
H26 LH9 J . -19.80 -1.33 -11.75
H29 LH9 J . -18.86 1.08 -11.70
H28 LH9 J . -17.90 0.63 -10.31
H30 LH9 J . -16.88 0.49 -12.85
H31 LH9 J . -17.60 -1.11 -12.83
H32 LH9 J . -14.81 -2.89 -10.76
H33 LH9 J . -13.35 -1.90 -11.00
H34 LH9 J . -14.37 -3.46 -13.47
H5 LH9 J . -31.14 6.02 -5.72
H4 LH9 J . -29.58 5.67 -4.97
H36 LH9 J . -13.98 -4.89 -10.97
H35 LH9 J . -14.02 -5.60 -12.61
H7 LH9 J . -30.86 3.98 -7.23
H6 LH9 J . -29.68 5.25 -7.51
H8 LH9 J . -29.29 2.46 -6.39
H9 LH9 J . -28.34 3.70 -5.58
H11 LH9 J . -28.19 2.75 -8.48
H10 LH9 J . -27.75 4.41 -8.16
H13 LH9 J . -26.42 2.74 -6.17
H12 LH9 J . -26.17 1.99 -7.73
H15 LH9 J . -25.33 4.18 -8.67
H14 LH9 J . -25.63 4.96 -7.12
H39 LH9 J . -23.55 4.35 -6.34
H17 LH9 J . -22.71 1.95 -7.02
H37 LH9 J . -11.76 -3.58 -12.68
H38 LH9 J . -11.98 -5.92 -12.32
C1 LH9 K . -9.64 -14.65 11.79
C10 LH9 K . -18.82 -10.10 12.35
C11 LH9 K . -19.10 -9.55 10.94
C12 LH9 K . -19.32 -10.65 9.87
C13 LH9 K . -20.71 -11.27 9.89
C14 LH9 K . -21.74 -10.56 9.00
C15 LH9 K . -21.60 -10.92 7.52
C16 LH9 K . -22.05 -12.35 7.14
C17 LH9 K . -23.53 -12.36 6.73
C18 LH9 K . -25.01 -12.24 4.89
C19 LH9 K . -24.93 -12.15 3.34
C2 LH9 K . -10.95 -14.25 11.12
C20 LH9 K . -26.36 -12.08 2.70
C3 LH9 K . -11.71 -13.13 11.86
C4 LH9 K . -12.27 -12.04 10.92
C5 LH9 K . -12.95 -10.85 11.65
C6 LH9 K . -14.46 -10.69 11.35
C7 LH9 K . -15.39 -11.37 12.36
C8 LH9 K . -16.82 -11.63 11.90
C9 LH9 K . -17.93 -11.32 12.60
O1 LH9 K . -24.42 -12.04 7.47
O2 LH9 K . -23.79 -12.74 5.44
O3 LH9 K . -24.36 -13.37 2.94
O4 LH9 K . -26.23 -12.62 1.42
H1 LH9 K . -8.99 -15.25 11.14
H3 LH9 K . -9.02 -13.80 12.11
H2 LH9 K . -9.78 -15.26 12.70
H19 LH9 K . -19.81 -10.32 12.82
H18 LH9 K . -18.41 -9.26 12.95
H20 LH9 K . -18.27 -8.88 10.63
H21 LH9 K . -19.99 -8.89 10.96
H23 LH9 K . -19.11 -10.22 8.86
H22 LH9 K . -18.55 -11.44 9.99
H24 LH9 K . -21.08 -11.30 10.93
H25 LH9 K . -20.64 -12.33 9.59
H27 LH9 K . -22.76 -10.79 9.35
H26 LH9 K . -21.65 -9.45 9.13
H29 LH9 K . -22.17 -10.19 6.90
H28 LH9 K . -20.55 -10.78 7.19
H30 LH9 K . -21.91 -13.05 7.97
H31 LH9 K . -21.45 -12.76 6.30
H32 LH9 K . -25.22 -11.24 5.33
H33 LH9 K . -25.85 -12.89 5.20
H34 LH9 K . -24.34 -11.27 2.98
H5 LH9 K . -10.74 -13.95 10.07
H4 LH9 K . -11.59 -15.15 11.02
H36 LH9 K . -26.74 -11.04 2.65
H35 LH9 K . -27.11 -12.66 3.30
H7 LH9 K . -12.53 -13.58 12.46
H6 LH9 K . -11.03 -12.68 12.61
H8 LH9 K . -12.99 -12.51 10.22
H9 LH9 K . -11.45 -11.67 10.28
H11 LH9 K . -12.79 -10.96 12.74
H10 LH9 K . -12.42 -9.92 11.38
H13 LH9 K . -14.69 -9.60 11.29
H12 LH9 K . -14.65 -11.07 10.33
H15 LH9 K . -14.92 -12.32 12.67
H14 LH9 K . -15.41 -10.75 13.28
H39 LH9 K . -16.87 -12.10 10.92
H17 LH9 K . -18.28 -11.96 13.42
H37 LH9 K . -24.34 -13.40 1.98
H38 LH9 K . -27.10 -12.56 1.01
C1 LH9 L . -27.16 -3.62 -11.78
C10 LH9 L . -19.93 -7.74 -7.68
C11 LH9 L . -18.52 -8.31 -7.41
C12 LH9 L . -18.47 -9.87 -7.49
C13 LH9 L . -17.19 -10.59 -7.01
C14 LH9 L . -16.81 -11.86 -7.83
C15 LH9 L . -15.30 -12.03 -8.18
C16 LH9 L . -14.94 -11.68 -9.66
C17 LH9 L . -14.05 -12.76 -10.31
C18 LH9 L . -12.77 -11.72 -12.02
C19 LH9 L . -11.31 -11.64 -12.57
C2 LH9 L . -27.19 -5.07 -11.27
C20 LH9 L . -11.15 -10.51 -13.65
C3 LH9 L . -25.93 -5.89 -11.59
C4 LH9 L . -25.60 -7.03 -10.57
C5 LH9 L . -24.34 -6.83 -9.62
C6 LH9 L . -23.55 -5.49 -9.77
C7 LH9 L . -22.43 -5.23 -8.72
C8 LH9 L . -21.04 -5.83 -8.97
C9 LH9 L . -20.18 -6.28 -8.04
O1 LH9 L . -14.39 -13.90 -10.45
O2 LH9 L . -12.81 -12.36 -10.74
O3 LH9 L . -11.12 -12.87 -13.21
O4 LH9 L . -9.81 -10.09 -13.56
H1 LH9 L . -26.82 -2.90 -11.02
H3 LH9 L . -28.13 -3.25 -12.13
H2 LH9 L . -26.48 -3.48 -12.63
H19 LH9 L . -20.53 -7.97 -6.78
H18 LH9 L . -20.36 -8.36 -8.48
H20 LH9 L . -17.79 -7.89 -8.14
H21 LH9 L . -18.16 -7.97 -6.43
H23 LH9 L . -19.33 -10.28 -6.91
H22 LH9 L . -18.68 -10.18 -8.53
H24 LH9 L . -17.29 -10.87 -5.94
H25 LH9 L . -16.33 -9.88 -7.02
H27 LH9 L . -17.14 -12.76 -7.27
H26 LH9 L . -17.40 -11.87 -8.77
H29 LH9 L . -14.70 -11.38 -7.51
H28 LH9 L . -14.97 -13.06 -7.96
H30 LH9 L . -14.42 -10.71 -9.75
H31 LH9 L . -15.85 -11.56 -10.30
H32 LH9 L . -13.21 -10.71 -11.94
H33 LH9 L . -13.43 -12.28 -12.72
H34 LH9 L . -10.56 -11.44 -11.77
H5 LH9 L . -27.38 -5.05 -10.17
H4 LH9 L . -28.10 -5.56 -11.68
H36 LH9 L . -11.38 -10.87 -14.68
H35 LH9 L . -11.84 -9.65 -13.46
H7 LH9 L . -25.07 -5.20 -11.68
H6 LH9 L . -26.04 -6.33 -12.61
H8 LH9 L . -25.46 -7.97 -11.13
H9 LH9 L . -26.49 -7.19 -9.94
H11 LH9 L . -23.65 -7.68 -9.78
H10 LH9 L . -24.69 -6.93 -8.57
H13 LH9 L . -23.12 -5.46 -10.79
H12 LH9 L . -24.27 -4.66 -9.74
H15 LH9 L . -22.80 -5.59 -7.74
H14 LH9 L . -22.32 -4.14 -8.61
H39 LH9 L . -20.78 -5.88 -10.03
H17 LH9 L . -19.57 -5.58 -7.45
H37 LH9 L . -11.53 -13.55 -12.68
H38 LH9 L . -9.29 -10.68 -14.12
C1 LH9 M . -0.13 21.70 12.72
C10 LH9 M . -10.91 17.60 11.96
C11 LH9 M . -12.07 16.82 12.72
C12 LH9 M . -13.26 17.69 13.31
C13 LH9 M . -14.67 16.97 13.50
C14 LH9 M . -15.86 17.77 14.19
C15 LH9 M . -17.27 17.05 14.17
C16 LH9 M . -18.56 17.95 14.16
C17 LH9 M . -19.88 17.13 14.05
C18 LH9 M . -22.31 17.26 13.88
C19 LH9 M . -23.49 18.17 13.33
C2 LH9 M . -1.51 21.22 13.19
C20 LH9 M . -24.92 17.53 13.47
C3 LH9 M . -2.62 21.28 12.10
C4 LH9 M . -3.95 20.57 12.52
C5 LH9 M . -5.02 20.31 11.38
C6 LH9 M . -5.88 19.00 11.56
C7 LH9 M . -7.45 19.15 11.56
C8 LH9 M . -8.31 17.93 12.03
C9 LH9 M . -9.54 17.96 12.60
O1 LH9 M . -19.96 15.98 14.38
O2 LH9 M . -21.00 17.78 13.55
O3 LH9 M . -23.26 18.26 11.96
O4 LH9 M . -25.81 18.41 12.82
H1 LH9 M . 0.34 21.03 12.00
H3 LH9 M . -0.15 22.68 12.24
H2 LH9 M . 0.60 21.81 13.54
H19 LH9 M . -11.37 18.55 11.61
H18 LH9 M . -10.69 17.02 11.04
H20 LH9 M . -11.61 16.23 13.53
H21 LH9 M . -12.49 16.06 12.03
H23 LH9 M . -13.41 18.59 12.67
H22 LH9 M . -12.95 18.09 14.29
H24 LH9 M . -15.02 16.64 12.49
H25 LH9 M . -14.51 16.03 14.05
H27 LH9 M . -15.58 17.99 15.24
H26 LH9 M . -15.95 18.76 13.71
H29 LH9 M . -17.31 16.38 13.29
H28 LH9 M . -17.33 16.37 15.04
H30 LH9 M . -18.54 18.68 13.32
H31 LH9 M . -18.63 18.59 15.07
H32 LH9 M . -22.39 17.15 14.99
H33 LH9 M . -22.40 16.23 13.47
H34 LH9 M . -23.49 19.14 13.88
H5 LH9 M . -1.39 20.18 13.58
H4 LH9 M . -1.80 21.81 14.08
H36 LH9 M . -25.21 17.40 14.53
H35 LH9 M . -24.97 16.53 13.00
H7 LH9 M . -2.81 22.35 11.86
H6 LH9 M . -2.22 20.84 11.17
H8 LH9 M . -4.42 21.16 13.33
H9 LH9 M . -3.69 19.60 13.00
H11 LH9 M . -5.69 21.19 11.32
H10 LH9 M . -4.50 20.29 10.40
H13 LH9 M . -5.59 18.29 10.76
H12 LH9 M . -5.56 18.51 12.50
H15 LH9 M . -7.71 20.03 12.18
H14 LH9 M . -7.76 19.42 10.53
H39 LH9 M . -7.81 16.98 11.85
H17 LH9 M . -9.65 18.27 13.64
H37 LH9 M . -24.10 18.21 11.51
H38 LH9 M . -26.68 18.05 12.93
#